data_8IBZ
#
_entry.id   8IBZ
#
_cell.length_a   1.00
_cell.length_b   1.00
_cell.length_c   1.00
_cell.angle_alpha   90.00
_cell.angle_beta   90.00
_cell.angle_gamma   90.00
#
_symmetry.space_group_name_H-M   'P 1'
#
loop_
_entity.id
_entity.type
_entity.pdbx_description
1 polymer 'Reverse transcriptase-like protein'
2 polymer 5ORF-linker-3UTR
3 non-polymer 'ZINC ION'
#
loop_
_entity_poly.entity_id
_entity_poly.type
_entity_poly.pdbx_seq_one_letter_code
_entity_poly.pdbx_strand_id
1 'polypeptide(L)'
;MMASTALSLMGRCNPDGCTRGKHVTAAPMDGPRGPSSLAGTFGWGLAIPAGEPCGRVCSPATVGFFPVAKKSNKENRPEA
SGLPLESERTGDNPTVRGSAGADPVGQDAPGWTCQFCERTFSTNRGLGVHKRRAHPVETNTDAAPMMVKRRWHGEEIDLL
ARTEARLLAERGQCSGGDLFGALPGFGRTLEAIKGQRRREPYRALVQAHLARFGSQPGPSSGGCSAEPDFRRASGAEEAG
EERCAEDAAAYDPSAVGQMSPDAARVLSELLEGAGRRRACRAMRPKTAGRRNDLHDDRTASAHKTSRQKRRAEYARVQEL
YKKCRSRAAAEVIDGACGGVGHSLEEMETYWRPILERVSDAPGPTPEALHALGRAEWHGGNRDYTQLWKPISVEEIKASR
FDWRTSPGPDGIRSGQWRAVPVHLKAEMFNAWMARGEIPEILRQCRTVFVPKVERPGGPGEYRPISIASIPLRHFHSILA
RRLLACCPPDARQRGFICADGTLENSAVLDAVLGDSRKKLRECHVAVLDFAKAFDTVSHEALVELLRLRGMPEQFCGYIA
HLYDTASTTLAVNNEMSSPVKVGRGVRQGDPLSPILFNVVMDLILASLPERVGYRLEMELVSALAYAYDLVLLAGSKVGM
QESISAVDCVGRQMGLRLNCRKSAVLSMIPDGHRKKHHYLTERTFNIGGKPLRQVSCVERWRYLGVDFEASGCVTLEHSI
SSALNNISRAPLKPQQRLEILRAHLIPRFQHGFVLGNISDDRLRMLDVQIRKAVGQWLRLPADVPKAYYHAAVQDGGLAI
PSVRATIPDLIVRRFGGLDSSPWSVARAAAKSDKIRKKLRWAWKQLRRFSRVDSTTQRPSVRLFWREHLHASVDGRELRE
STRTPTSTKWIRERCAQITGRDFVQFVHTHINALPSRIRGSRGRRGGGESSLTCRAGCKVRETTAHILQQCHRTHGGRIL
RHNKIVSFVAKAMEENKWTVELEPRLRTSVGLRKPAIIASRDGVGVIVDVQVVSGQRSLDELHREKRNKYGNHGELVELV
AGRLGLPKAECVRATSCTISWRGVWSLTSYKELRSIIGLREPTLQIVPILALRGSHMNWTRFNQMTSVMGGGVG
;
C
2 'polyribonucleotide'
;UGUACACGUGGUAAACACGUGACAGCAGCCCCGAUGGACGGACCGCGAGGACCGUCAAGCCUAGCAGGUACCUUCGGGUG
GGGCCUUGCGAUACCUGCGGGCGAACCCUGUGGUCGGGUUUGCAGCCCGGCCACAGUGGGUUUUUUUCCUGUUGCAAAAA
AGUCAAAUAAAGAAAAUAGUAGAUCAGGCCCGUCUGAUCCAAU
;
E
#
# COMPACT_ATOMS: atom_id res chain seq x y z
N SER A 260 21.63 -2.18 37.01
CA SER A 260 21.31 -1.12 37.96
C SER A 260 19.93 -1.33 38.56
N PRO A 261 19.79 -1.00 39.86
CA PRO A 261 18.47 -1.15 40.50
C PRO A 261 17.39 -0.30 39.86
N ASP A 262 17.76 0.81 39.20
CA ASP A 262 16.75 1.62 38.51
C ASP A 262 16.07 0.84 37.40
N ALA A 263 16.86 0.09 36.61
CA ALA A 263 16.29 -0.72 35.55
C ALA A 263 15.36 -1.78 36.11
N ALA A 264 15.76 -2.44 37.19
CA ALA A 264 14.90 -3.44 37.81
C ALA A 264 13.62 -2.81 38.32
N ARG A 265 13.71 -1.62 38.92
CA ARG A 265 12.52 -0.95 39.43
C ARG A 265 11.56 -0.58 38.30
N VAL A 266 12.10 -0.04 37.19
CA VAL A 266 11.21 0.35 36.09
C VAL A 266 10.63 -0.88 35.41
N LEU A 267 11.38 -1.96 35.33
CA LEU A 267 10.84 -3.21 34.78
C LEU A 267 9.72 -3.76 35.66
N SER A 268 9.91 -3.71 36.99
CA SER A 268 8.86 -4.15 37.90
C SER A 268 7.62 -3.27 37.77
N GLU A 269 7.83 -1.96 37.61
CA GLU A 269 6.70 -1.05 37.44
C GLU A 269 5.93 -1.36 36.16
N LEU A 270 6.65 -1.63 35.07
CA LEU A 270 5.99 -1.96 33.82
C LEU A 270 5.27 -3.30 33.91
N LEU A 271 5.86 -4.28 34.58
CA LEU A 271 5.19 -5.55 34.79
C LEU A 271 3.92 -5.38 35.62
N GLU A 272 3.98 -4.54 36.65
CA GLU A 272 2.79 -4.26 37.45
C GLU A 272 1.72 -3.58 36.62
N GLY A 273 2.11 -2.64 35.77
CA GLY A 273 1.14 -2.00 34.89
C GLY A 273 0.49 -2.99 33.94
N ALA A 274 1.29 -3.89 33.36
CA ALA A 274 0.74 -4.91 32.48
C ALA A 274 -0.21 -5.84 33.22
N GLY A 275 0.15 -6.23 34.45
CA GLY A 275 -0.74 -7.07 35.23
C GLY A 275 -2.05 -6.37 35.57
N ARG A 276 -1.96 -5.08 35.91
CA ARG A 276 -3.18 -4.31 36.19
C ARG A 276 -4.05 -4.21 34.95
N ARG A 277 -3.43 -3.99 33.78
CA ARG A 277 -4.20 -3.92 32.54
C ARG A 277 -4.88 -5.25 32.24
N ARG A 278 -4.17 -6.36 32.46
CA ARG A 278 -4.76 -7.69 32.26
C ARG A 278 -5.92 -7.91 33.21
N ALA A 279 -5.77 -7.51 34.48
CA ALA A 279 -6.85 -7.67 35.45
C ALA A 279 -8.06 -6.82 35.06
N CYS A 280 -7.82 -5.60 34.59
CA CYS A 280 -8.92 -4.73 34.16
C CYS A 280 -9.65 -5.33 32.96
N ARG A 281 -8.90 -5.88 32.00
CA ARG A 281 -9.53 -6.51 30.84
C ARG A 281 -10.33 -7.74 31.25
N ALA A 282 -9.77 -8.56 32.15
CA ALA A 282 -10.49 -9.76 32.59
C ALA A 282 -11.68 -9.40 33.47
N MET A 283 -11.49 -8.47 34.41
CA MET A 283 -12.56 -8.07 35.31
C MET A 283 -13.30 -6.84 34.79
N THR A 305 -24.18 -10.66 17.79
CA THR A 305 -24.99 -10.34 16.62
C THR A 305 -24.14 -9.71 15.53
N SER A 306 -24.68 -9.68 14.30
CA SER A 306 -23.93 -9.16 13.18
C SER A 306 -23.66 -7.66 13.32
N ARG A 307 -24.65 -6.91 13.77
CA ARG A 307 -24.51 -5.45 13.86
C ARG A 307 -23.41 -5.07 14.85
N GLN A 308 -23.41 -5.69 16.02
CA GLN A 308 -22.46 -5.29 17.05
C GLN A 308 -21.03 -5.69 16.68
N LYS A 309 -20.87 -6.85 16.04
CA LYS A 309 -19.53 -7.24 15.61
C LYS A 309 -19.05 -6.38 14.46
N ARG A 310 -19.96 -5.96 13.57
CA ARG A 310 -19.58 -5.01 12.53
C ARG A 310 -19.13 -3.68 13.12
N ARG A 311 -19.84 -3.19 14.14
CA ARG A 311 -19.45 -1.94 14.77
C ARG A 311 -18.09 -2.06 15.47
N ALA A 312 -17.86 -3.18 16.16
CA ALA A 312 -16.56 -3.39 16.79
C ALA A 312 -15.46 -3.46 15.75
N GLU A 313 -15.72 -4.14 14.63
CA GLU A 313 -14.73 -4.21 13.55
C GLU A 313 -14.45 -2.83 12.97
N TYR A 314 -15.49 -2.01 12.81
CA TYR A 314 -15.29 -0.66 12.32
C TYR A 314 -14.41 0.15 13.25
N ALA A 315 -14.69 0.08 14.55
CA ALA A 315 -13.88 0.83 15.52
C ALA A 315 -12.42 0.36 15.48
N ARG A 316 -12.21 -0.96 15.45
CA ARG A 316 -10.85 -1.48 15.43
C ARG A 316 -10.11 -1.07 14.18
N VAL A 317 -10.75 -1.18 13.01
CA VAL A 317 -10.08 -0.85 11.77
C VAL A 317 -9.81 0.64 11.69
N GLN A 318 -10.71 1.48 12.21
CA GLN A 318 -10.47 2.91 12.19
C GLN A 318 -9.29 3.29 13.09
N GLU A 319 -9.23 2.72 14.29
CA GLU A 319 -8.09 2.99 15.16
C GLU A 319 -6.79 2.53 14.51
N LEU A 320 -6.81 1.33 13.89
CA LEU A 320 -5.61 0.81 13.25
C LEU A 320 -5.18 1.70 12.07
N TYR A 321 -6.15 2.12 11.25
CA TYR A 321 -5.84 2.97 10.10
C TYR A 321 -5.28 4.31 10.55
N LYS A 322 -5.86 4.92 11.58
CA LYS A 322 -5.33 6.18 12.07
C LYS A 322 -3.99 5.99 12.78
N LYS A 323 -3.67 4.78 13.21
CA LYS A 323 -2.40 4.53 13.88
C LYS A 323 -1.32 4.11 12.88
N CYS A 324 -1.54 3.01 12.16
CA CYS A 324 -0.59 2.50 11.17
C CYS A 324 -1.33 2.18 9.89
N ARG A 325 -1.06 2.96 8.84
CA ARG A 325 -1.84 2.82 7.61
C ARG A 325 -1.44 1.58 6.82
N SER A 326 -0.14 1.28 6.77
CA SER A 326 0.31 0.14 5.96
C SER A 326 -0.22 -1.18 6.50
N ARG A 327 -0.13 -1.38 7.82
CA ARG A 327 -0.65 -2.61 8.42
C ARG A 327 -2.16 -2.69 8.32
N ALA A 328 -2.85 -1.56 8.46
CA ALA A 328 -4.30 -1.57 8.29
C ALA A 328 -4.68 -1.98 6.86
N ALA A 329 -3.95 -1.47 5.87
CA ALA A 329 -4.20 -1.86 4.48
C ALA A 329 -3.92 -3.34 4.27
N ALA A 330 -2.82 -3.84 4.84
CA ALA A 330 -2.53 -5.27 4.70
C ALA A 330 -3.63 -6.11 5.33
N GLU A 331 -4.10 -5.72 6.51
CA GLU A 331 -5.14 -6.49 7.19
C GLU A 331 -6.45 -6.45 6.41
N VAL A 332 -6.82 -5.30 5.85
CA VAL A 332 -8.09 -5.21 5.13
C VAL A 332 -8.02 -6.00 3.83
N ILE A 333 -6.87 -5.96 3.14
CA ILE A 333 -6.76 -6.69 1.88
C ILE A 333 -6.72 -8.19 2.15
N ASP A 334 -6.04 -8.60 3.23
CA ASP A 334 -5.94 -10.01 3.58
C ASP A 334 -7.29 -10.63 3.92
N GLY A 335 -8.31 -9.82 4.17
CA GLY A 335 -9.63 -10.32 4.48
C GLY A 335 -9.99 -10.35 5.95
N ALA A 336 -9.22 -9.70 6.82
CA ALA A 336 -9.50 -9.71 8.24
C ALA A 336 -10.58 -8.70 8.60
N CYS A 337 -11.73 -8.79 7.93
CA CYS A 337 -12.88 -7.93 8.20
C CYS A 337 -14.09 -8.68 8.70
N GLY A 338 -14.39 -9.85 8.13
CA GLY A 338 -15.47 -10.67 8.64
C GLY A 338 -15.17 -11.38 9.93
N GLY A 339 -13.91 -11.34 10.37
CA GLY A 339 -13.53 -12.01 11.60
C GLY A 339 -13.80 -13.49 11.50
N VAL A 340 -14.39 -14.05 12.56
CA VAL A 340 -14.80 -15.45 12.57
C VAL A 340 -16.32 -15.51 12.65
N GLY A 341 -16.85 -16.73 12.61
CA GLY A 341 -18.28 -16.92 12.74
C GLY A 341 -18.64 -18.14 13.55
N HIS A 342 -17.64 -18.76 14.19
CA HIS A 342 -17.85 -20.01 14.90
C HIS A 342 -17.67 -19.91 16.41
N SER A 343 -17.19 -18.78 16.92
CA SER A 343 -16.94 -18.59 18.36
C SER A 343 -15.89 -19.55 18.88
N LEU A 344 -15.68 -19.58 20.20
CA LEU A 344 -14.73 -20.51 20.79
C LEU A 344 -15.16 -21.96 20.57
N GLU A 345 -16.46 -22.19 20.47
CA GLU A 345 -16.95 -23.53 20.15
C GLU A 345 -16.53 -23.92 18.74
N GLU A 346 -16.17 -25.20 18.58
CA GLU A 346 -15.75 -25.80 17.32
C GLU A 346 -14.59 -25.04 16.66
N MET A 347 -13.93 -24.15 17.40
CA MET A 347 -12.71 -23.50 16.94
C MET A 347 -11.53 -23.83 17.84
N GLU A 348 -11.72 -23.80 19.16
CA GLU A 348 -10.68 -24.30 20.05
C GLU A 348 -10.53 -25.81 19.93
N THR A 349 -11.65 -26.51 19.79
CA THR A 349 -11.59 -27.97 19.63
C THR A 349 -10.93 -28.36 18.32
N TYR A 350 -11.11 -27.56 17.26
CA TYR A 350 -10.49 -27.86 15.98
C TYR A 350 -9.00 -27.56 15.99
N TRP A 351 -8.60 -26.45 16.62
CA TRP A 351 -7.25 -25.95 16.48
C TRP A 351 -6.30 -26.37 17.59
N ARG A 352 -6.81 -26.60 18.79
CA ARG A 352 -5.93 -27.01 19.89
C ARG A 352 -5.18 -28.31 19.61
N PRO A 353 -5.81 -29.38 19.12
CA PRO A 353 -5.03 -30.55 18.72
C PRO A 353 -4.02 -30.26 17.61
N ILE A 354 -4.36 -29.38 16.67
CA ILE A 354 -3.41 -29.05 15.60
C ILE A 354 -2.21 -28.31 16.17
N LEU A 355 -2.44 -27.34 17.05
CA LEU A 355 -1.34 -26.60 17.64
C LEU A 355 -0.60 -27.42 18.68
N GLU A 356 -1.21 -28.47 19.21
CA GLU A 356 -0.57 -29.36 20.17
C GLU A 356 -0.28 -30.68 19.46
N ARG A 357 0.87 -30.75 18.78
CA ARG A 357 1.30 -31.99 18.14
C ARG A 357 2.79 -31.90 17.92
N VAL A 358 3.56 -32.71 18.64
CA VAL A 358 5.02 -32.71 18.52
C VAL A 358 5.42 -33.50 17.28
N SER A 359 6.25 -32.89 16.44
CA SER A 359 6.73 -33.56 15.25
C SER A 359 7.70 -34.68 15.62
N ASP A 360 7.53 -35.83 14.97
CA ASP A 360 8.44 -36.96 15.13
C ASP A 360 9.55 -36.94 14.08
N ALA A 361 10.24 -35.82 13.97
CA ALA A 361 11.31 -35.69 13.01
C ALA A 361 12.56 -36.39 13.52
N PRO A 362 13.18 -37.27 12.73
CA PRO A 362 14.40 -37.94 13.19
C PRO A 362 15.57 -37.00 13.43
N GLY A 363 15.56 -35.81 12.84
CA GLY A 363 16.65 -34.87 13.02
C GLY A 363 17.66 -34.97 11.89
N PRO A 364 18.71 -34.15 11.95
CA PRO A 364 19.75 -34.20 10.91
C PRO A 364 20.45 -35.55 10.89
N THR A 365 20.80 -36.00 9.65
CA THR A 365 21.52 -37.22 9.30
C THR A 365 22.94 -36.86 8.84
N PRO A 366 23.91 -37.76 9.04
CA PRO A 366 25.29 -37.43 8.65
C PRO A 366 25.46 -37.04 7.19
N GLU A 367 24.66 -37.61 6.27
CA GLU A 367 24.76 -37.19 4.87
C GLU A 367 24.39 -35.72 4.73
N ALA A 368 23.33 -35.28 5.40
CA ALA A 368 22.98 -33.86 5.36
C ALA A 368 24.03 -33.01 6.07
N LEU A 369 24.67 -33.54 7.11
CA LEU A 369 25.74 -32.81 7.77
C LEU A 369 26.91 -32.57 6.83
N HIS A 370 27.29 -33.59 6.06
CA HIS A 370 28.36 -33.42 5.08
C HIS A 370 27.92 -32.51 3.94
N ALA A 371 26.64 -32.58 3.56
CA ALA A 371 26.13 -31.70 2.52
C ALA A 371 26.21 -30.23 2.94
N LEU A 372 25.87 -29.94 4.20
CA LEU A 372 25.99 -28.56 4.69
C LEU A 372 27.45 -28.13 4.79
N GLY A 373 28.35 -29.06 5.11
CA GLY A 373 29.76 -28.73 5.19
C GLY A 373 30.41 -28.40 3.87
N ARG A 374 29.73 -28.67 2.76
CA ARG A 374 30.25 -28.36 1.43
C ARG A 374 30.46 -26.86 1.26
N THR A 385 30.22 -16.91 15.49
CA THR A 385 31.10 -17.05 16.65
C THR A 385 31.04 -15.80 17.53
N GLN A 386 30.71 -14.67 16.92
CA GLN A 386 30.61 -13.40 17.62
C GLN A 386 29.22 -13.14 18.19
N LEU A 387 28.30 -14.10 18.05
CA LEU A 387 26.95 -13.93 18.54
C LEU A 387 26.92 -13.96 20.07
N TRP A 388 25.79 -13.53 20.63
CA TRP A 388 25.55 -13.50 22.07
C TRP A 388 26.55 -12.61 22.81
N LYS A 389 27.20 -11.69 22.10
CA LYS A 389 28.00 -10.69 22.78
C LYS A 389 27.09 -9.70 23.49
N PRO A 390 27.58 -9.03 24.53
CA PRO A 390 26.74 -8.08 25.26
C PRO A 390 26.22 -6.98 24.34
N ILE A 391 24.95 -6.61 24.56
CA ILE A 391 24.30 -5.62 23.71
C ILE A 391 24.80 -4.24 24.08
N SER A 392 25.22 -3.48 23.07
CA SER A 392 25.66 -2.10 23.27
C SER A 392 24.44 -1.18 23.18
N VAL A 393 24.68 0.12 23.32
CA VAL A 393 23.61 1.10 23.17
C VAL A 393 23.46 1.59 21.74
N GLU A 394 24.49 1.41 20.89
CA GLU A 394 24.41 1.91 19.53
C GLU A 394 23.43 1.09 18.69
N GLU A 395 23.46 -0.23 18.82
CA GLU A 395 22.61 -1.07 17.98
C GLU A 395 21.14 -0.97 18.35
N ILE A 396 20.83 -0.64 19.60
CA ILE A 396 19.44 -0.50 20.01
C ILE A 396 18.77 0.66 19.27
N LYS A 397 19.44 1.80 19.22
CA LYS A 397 18.91 2.92 18.45
C LYS A 397 19.08 2.71 16.96
N ALA A 398 20.11 1.95 16.55
CA ALA A 398 20.34 1.70 15.14
C ALA A 398 19.37 0.68 14.55
N SER A 399 18.72 -0.13 15.40
CA SER A 399 17.77 -1.11 14.90
C SER A 399 16.49 -0.42 14.47
N ARG A 400 16.12 -0.58 13.20
CA ARG A 400 14.93 0.06 12.65
C ARG A 400 13.72 -0.76 13.07
N PHE A 401 13.28 -0.58 14.31
CA PHE A 401 12.11 -1.28 14.83
C PHE A 401 10.91 -0.37 14.63
N ASP A 402 9.96 -0.84 13.84
CA ASP A 402 8.75 -0.06 13.57
C ASP A 402 7.96 0.10 14.86
N TRP A 403 7.85 1.34 15.34
CA TRP A 403 7.10 1.62 16.55
C TRP A 403 5.60 1.74 16.29
N ARG A 404 5.18 1.64 15.02
CA ARG A 404 3.78 1.81 14.65
C ARG A 404 3.11 0.43 14.59
N THR A 405 3.09 -0.22 15.74
CA THR A 405 2.56 -1.57 15.90
C THR A 405 1.38 -1.57 16.87
N SER A 406 0.88 -2.79 17.17
CA SER A 406 -0.22 -3.11 18.08
C SER A 406 0.33 -3.66 19.40
N PRO A 407 -0.38 -3.46 20.50
CA PRO A 407 0.12 -3.95 21.79
C PRO A 407 0.11 -5.46 21.88
N GLY A 408 1.02 -5.97 22.69
CA GLY A 408 1.06 -7.38 23.00
C GLY A 408 0.06 -7.74 24.08
N PRO A 409 0.06 -9.03 24.45
CA PRO A 409 -0.89 -9.48 25.49
C PRO A 409 -0.70 -8.81 26.83
N ASP A 410 0.53 -8.46 27.20
CA ASP A 410 0.76 -7.83 28.50
C ASP A 410 0.07 -6.47 28.59
N GLY A 411 0.20 -5.65 27.54
CA GLY A 411 -0.50 -4.38 27.51
C GLY A 411 0.33 -3.16 27.16
N ILE A 412 1.62 -3.35 26.90
CA ILE A 412 2.49 -2.24 26.51
C ILE A 412 2.10 -1.78 25.12
N ARG A 413 1.42 -0.63 25.02
CA ARG A 413 0.83 -0.25 23.74
C ARG A 413 1.82 0.43 22.81
N SER A 414 2.21 1.67 23.11
CA SER A 414 3.19 2.36 22.30
C SER A 414 4.14 3.27 23.07
N GLY A 415 3.82 3.67 24.30
CA GLY A 415 4.60 4.69 24.98
C GLY A 415 5.47 4.16 26.11
N GLN A 416 4.92 3.21 26.89
CA GLN A 416 5.64 2.71 28.05
C GLN A 416 6.92 1.99 27.66
N TRP A 417 7.05 1.56 26.41
CA TRP A 417 8.33 1.08 25.90
C TRP A 417 9.12 2.15 25.18
N ARG A 418 8.47 3.19 24.67
CA ARG A 418 9.18 4.31 24.07
C ARG A 418 9.80 5.22 25.13
N ALA A 419 9.15 5.34 26.28
CA ALA A 419 9.67 6.25 27.32
C ALA A 419 10.96 5.72 27.93
N VAL A 420 11.20 4.41 27.85
CA VAL A 420 12.40 3.85 28.49
C VAL A 420 13.63 4.36 27.77
N PRO A 421 14.64 4.88 28.48
CA PRO A 421 15.88 5.29 27.82
C PRO A 421 16.66 4.08 27.31
N VAL A 422 17.56 4.36 26.36
CA VAL A 422 18.29 3.29 25.69
C VAL A 422 19.16 2.52 26.68
N HIS A 423 19.75 3.21 27.66
CA HIS A 423 20.64 2.56 28.61
C HIS A 423 19.88 1.54 29.45
N LEU A 424 18.67 1.88 29.90
CA LEU A 424 17.88 0.94 30.70
C LEU A 424 17.49 -0.28 29.88
N LYS A 425 17.07 -0.08 28.62
CA LYS A 425 16.75 -1.21 27.76
C LYS A 425 17.96 -2.09 27.55
N ALA A 426 19.14 -1.49 27.36
CA ALA A 426 20.35 -2.27 27.20
C ALA A 426 20.65 -3.09 28.44
N GLU A 427 20.48 -2.50 29.63
CA GLU A 427 20.73 -3.23 30.85
C GLU A 427 19.77 -4.39 31.01
N MET A 428 18.48 -4.17 30.73
CA MET A 428 17.49 -5.23 30.85
C MET A 428 17.76 -6.35 29.84
N PHE A 429 18.10 -5.99 28.61
CA PHE A 429 18.42 -7.01 27.60
C PHE A 429 19.64 -7.81 28.01
N ASN A 430 20.68 -7.13 28.53
CA ASN A 430 21.87 -7.83 28.97
C ASN A 430 21.56 -8.78 30.12
N ALA A 431 20.72 -8.35 31.06
CA ALA A 431 20.32 -9.24 32.15
C ALA A 431 19.55 -10.44 31.62
N TRP A 432 18.67 -10.22 30.63
CA TRP A 432 17.90 -11.32 30.06
C TRP A 432 18.80 -12.34 29.38
N MET A 433 19.80 -11.86 28.63
CA MET A 433 20.75 -12.78 28.00
C MET A 433 21.59 -13.50 29.04
N ALA A 434 22.01 -12.80 30.09
CA ALA A 434 22.82 -13.44 31.13
C ALA A 434 22.04 -14.53 31.84
N ARG A 435 20.77 -14.27 32.14
CA ARG A 435 19.94 -15.30 32.75
C ARG A 435 19.49 -16.34 31.74
N GLY A 436 19.28 -15.93 30.48
CA GLY A 436 18.81 -16.84 29.46
C GLY A 436 17.32 -17.02 29.40
N GLU A 437 16.55 -16.16 30.08
CA GLU A 437 15.11 -16.28 30.16
C GLU A 437 14.47 -14.92 30.00
N ILE A 438 13.28 -14.88 29.42
CA ILE A 438 12.47 -13.68 29.34
C ILE A 438 11.37 -13.82 30.39
N PRO A 439 10.89 -12.74 31.01
CA PRO A 439 9.78 -12.88 31.95
C PRO A 439 8.58 -13.56 31.32
N GLU A 440 7.94 -14.44 32.09
CA GLU A 440 6.90 -15.30 31.55
C GLU A 440 5.70 -14.50 31.06
N ILE A 441 5.50 -13.29 31.58
CA ILE A 441 4.41 -12.45 31.10
C ILE A 441 4.67 -12.04 29.66
N LEU A 442 5.94 -11.81 29.31
CA LEU A 442 6.28 -11.36 27.96
C LEU A 442 6.18 -12.48 26.93
N ARG A 443 6.51 -13.71 27.32
CA ARG A 443 6.50 -14.81 26.37
C ARG A 443 5.09 -15.17 25.90
N GLN A 444 4.06 -14.80 26.66
CA GLN A 444 2.70 -15.07 26.24
C GLN A 444 2.42 -14.37 24.90
N CYS A 445 1.66 -15.03 24.04
CA CYS A 445 1.25 -14.46 22.76
C CYS A 445 -0.20 -14.77 22.53
N ARG A 446 -0.86 -13.92 21.75
CA ARG A 446 -2.29 -14.03 21.49
C ARG A 446 -2.50 -14.39 20.02
N THR A 447 -3.28 -15.43 19.77
CA THR A 447 -3.53 -15.92 18.42
C THR A 447 -4.97 -15.63 18.02
N VAL A 448 -5.14 -15.01 16.85
CA VAL A 448 -6.45 -14.66 16.32
C VAL A 448 -6.54 -15.24 14.92
N PHE A 449 -7.72 -15.70 14.53
CA PHE A 449 -7.91 -16.41 13.28
C PHE A 449 -8.53 -15.50 12.23
N VAL A 450 -7.87 -15.39 11.09
CA VAL A 450 -8.31 -14.57 9.96
C VAL A 450 -8.78 -15.50 8.86
N PRO A 451 -9.97 -15.29 8.28
CA PRO A 451 -10.46 -16.23 7.27
C PRO A 451 -9.64 -16.17 5.99
N LYS A 452 -9.61 -17.31 5.29
CA LYS A 452 -9.03 -17.38 3.96
C LYS A 452 -10.09 -17.15 2.89
N VAL A 453 -11.11 -17.99 2.87
CA VAL A 453 -12.25 -17.81 1.98
C VAL A 453 -13.13 -16.70 2.54
N GLU A 454 -13.65 -15.85 1.65
CA GLU A 454 -14.50 -14.75 2.09
C GLU A 454 -15.77 -15.24 2.76
N ARG A 455 -16.19 -16.48 2.50
CA ARG A 455 -17.37 -17.06 3.11
C ARG A 455 -16.98 -18.41 3.70
N PRO A 456 -16.34 -18.43 4.86
CA PRO A 456 -15.90 -19.70 5.45
C PRO A 456 -17.08 -20.60 5.78
N GLY A 457 -16.86 -21.90 5.63
CA GLY A 457 -17.88 -22.88 5.94
C GLY A 457 -17.42 -23.86 7.00
N GLY A 458 -16.28 -23.57 7.63
CA GLY A 458 -15.75 -24.41 8.66
C GLY A 458 -14.59 -23.75 9.38
N PRO A 459 -14.24 -24.28 10.56
CA PRO A 459 -13.07 -23.74 11.28
C PRO A 459 -11.75 -23.96 10.57
N GLY A 460 -11.71 -24.85 9.57
CA GLY A 460 -10.44 -25.20 8.95
C GLY A 460 -9.91 -24.16 8.00
N GLU A 461 -10.75 -23.24 7.52
CA GLU A 461 -10.34 -22.22 6.56
C GLU A 461 -10.01 -20.89 7.23
N TYR A 462 -9.48 -20.94 8.44
CA TYR A 462 -8.97 -19.77 9.15
C TYR A 462 -7.47 -19.92 9.35
N ARG A 463 -6.80 -18.80 9.55
CA ARG A 463 -5.35 -18.78 9.71
C ARG A 463 -5.00 -18.19 11.07
N PRO A 464 -4.19 -18.88 11.87
CA PRO A 464 -3.86 -18.39 13.22
C PRO A 464 -2.71 -17.40 13.26
N ILE A 465 -2.98 -16.11 13.06
CA ILE A 465 -1.93 -15.11 13.17
C ILE A 465 -1.71 -14.77 14.64
N SER A 466 -0.44 -14.72 15.04
CA SER A 466 -0.05 -14.53 16.43
C SER A 466 0.51 -13.12 16.64
N ILE A 467 0.36 -12.63 17.86
CA ILE A 467 0.88 -11.34 18.28
C ILE A 467 1.66 -11.54 19.58
N ALA A 468 2.87 -11.02 19.62
CA ALA A 468 3.76 -11.13 20.77
C ALA A 468 4.06 -9.75 21.35
N SER A 469 4.74 -9.74 22.49
CA SER A 469 4.98 -8.50 23.22
C SER A 469 6.02 -7.64 22.52
N ILE A 470 5.85 -6.32 22.64
CA ILE A 470 6.78 -5.38 22.02
C ILE A 470 8.19 -5.49 22.58
N PRO A 471 8.41 -5.59 23.91
CA PRO A 471 9.78 -5.78 24.38
C PRO A 471 10.46 -7.01 23.81
N LEU A 472 9.73 -8.12 23.70
CA LEU A 472 10.30 -9.32 23.11
C LEU A 472 10.65 -9.11 21.64
N ARG A 473 9.75 -8.47 20.89
CA ARG A 473 10.01 -8.20 19.48
C ARG A 473 11.25 -7.33 19.31
N HIS A 474 11.37 -6.30 20.15
CA HIS A 474 12.54 -5.42 20.07
C HIS A 474 13.81 -6.15 20.45
N PHE A 475 13.76 -7.03 21.44
CA PHE A 475 14.93 -7.81 21.81
C PHE A 475 15.34 -8.75 20.69
N HIS A 476 14.37 -9.39 20.03
CA HIS A 476 14.67 -10.37 18.99
C HIS A 476 15.06 -9.73 17.68
N SER A 477 14.66 -8.48 17.43
CA SER A 477 15.09 -7.79 16.21
C SER A 477 16.60 -7.62 16.20
N ILE A 478 17.18 -7.29 17.36
CA ILE A 478 18.64 -7.16 17.47
C ILE A 478 19.31 -8.49 17.16
N LEU A 479 18.78 -9.58 17.70
CA LEU A 479 19.38 -10.89 17.46
C LEU A 479 19.27 -11.30 15.99
N ALA A 480 18.13 -10.98 15.35
CA ALA A 480 17.99 -11.26 13.92
C ALA A 480 18.99 -10.46 13.09
N ARG A 481 19.17 -9.18 13.43
CA ARG A 481 20.16 -8.37 12.72
C ARG A 481 21.57 -8.93 12.93
N ARG A 482 21.86 -9.40 14.14
CA ARG A 482 23.15 -10.04 14.39
C ARG A 482 23.31 -11.30 13.56
N LEU A 483 22.24 -12.06 13.41
CA LEU A 483 22.27 -13.26 12.57
C LEU A 483 22.62 -12.91 11.13
N LEU A 484 21.98 -11.87 10.58
CA LEU A 484 22.33 -11.43 9.23
C LEU A 484 23.78 -10.96 9.16
N ALA A 485 24.24 -10.20 10.15
CA ALA A 485 25.61 -9.71 10.12
C ALA A 485 26.63 -10.81 10.34
N CYS A 486 26.21 -11.96 10.89
CA CYS A 486 27.16 -13.03 11.19
C CYS A 486 27.52 -13.84 9.94
N CYS A 487 26.53 -14.48 9.33
CA CYS A 487 26.75 -15.30 8.14
C CYS A 487 25.57 -15.13 7.19
N PRO A 488 25.73 -14.41 6.09
CA PRO A 488 24.61 -14.19 5.18
C PRO A 488 24.26 -15.46 4.42
N PRO A 489 23.02 -15.58 3.92
CA PRO A 489 22.65 -16.79 3.18
C PRO A 489 23.33 -16.87 1.82
N ASP A 490 23.06 -17.95 1.08
CA ASP A 490 23.71 -18.18 -0.20
C ASP A 490 23.15 -17.22 -1.25
N ALA A 491 23.90 -17.10 -2.36
CA ALA A 491 23.47 -16.25 -3.46
C ALA A 491 22.18 -16.78 -4.09
N ARG A 492 21.98 -18.09 -4.07
CA ARG A 492 20.72 -18.66 -4.57
C ARG A 492 19.54 -18.17 -3.75
N GLN A 493 19.68 -18.14 -2.42
CA GLN A 493 18.63 -17.63 -1.55
C GLN A 493 18.62 -16.11 -1.63
N ARG A 494 17.64 -15.58 -2.36
CA ARG A 494 17.46 -14.14 -2.51
C ARG A 494 16.05 -13.76 -2.08
N GLY A 495 15.67 -14.22 -0.89
CA GLY A 495 14.44 -13.80 -0.26
C GLY A 495 14.73 -12.78 0.82
N PHE A 496 14.76 -13.24 2.08
CA PHE A 496 15.12 -12.37 3.21
C PHE A 496 16.60 -12.04 3.12
N ILE A 497 16.91 -11.11 2.21
CA ILE A 497 18.27 -10.65 1.97
C ILE A 497 18.26 -9.11 2.02
N CYS A 498 19.47 -8.54 2.04
CA CYS A 498 19.63 -7.08 2.14
C CYS A 498 19.57 -6.44 0.75
N ALA A 499 18.52 -6.79 0.02
CA ALA A 499 18.27 -6.26 -1.33
C ALA A 499 16.90 -6.77 -1.77
N ASP A 500 16.38 -6.16 -2.84
CA ASP A 500 15.15 -6.64 -3.43
C ASP A 500 15.34 -8.07 -3.90
N GLY A 501 14.38 -8.92 -3.56
CA GLY A 501 14.54 -10.35 -3.79
C GLY A 501 14.10 -10.85 -5.15
N THR A 502 12.83 -10.62 -5.49
CA THR A 502 12.30 -11.14 -6.75
C THR A 502 12.54 -10.15 -7.87
N LEU A 503 13.79 -9.69 -8.00
CA LEU A 503 14.18 -8.76 -9.05
C LEU A 503 14.75 -9.50 -10.26
N GLU A 504 15.85 -10.21 -10.07
CA GLU A 504 16.47 -10.96 -11.15
C GLU A 504 15.97 -12.39 -11.26
N ASN A 505 15.23 -12.88 -10.28
CA ASN A 505 14.72 -14.24 -10.35
C ASN A 505 13.77 -14.41 -11.53
N SER A 506 12.87 -13.44 -11.74
CA SER A 506 11.96 -13.51 -12.87
C SER A 506 12.71 -13.45 -14.19
N ALA A 507 13.72 -12.58 -14.27
CA ALA A 507 14.52 -12.49 -15.49
C ALA A 507 15.24 -13.80 -15.78
N VAL A 508 15.80 -14.42 -14.76
CA VAL A 508 16.52 -15.68 -14.95
C VAL A 508 15.58 -16.79 -15.38
N LEU A 509 14.40 -16.87 -14.74
CA LEU A 509 13.44 -17.89 -15.14
C LEU A 509 12.98 -17.69 -16.58
N ASP A 510 12.70 -16.44 -16.97
CA ASP A 510 12.24 -16.18 -18.32
C ASP A 510 13.35 -16.43 -19.34
N ALA A 511 14.59 -16.09 -19.00
CA ALA A 511 15.71 -16.38 -19.89
C ALA A 511 15.91 -17.88 -20.07
N VAL A 512 15.79 -18.65 -18.99
CA VAL A 512 15.90 -20.11 -19.09
C VAL A 512 14.81 -20.65 -20.00
N LEU A 513 13.57 -20.19 -19.78
CA LEU A 513 12.45 -20.68 -20.58
C LEU A 513 12.62 -20.34 -22.05
N GLY A 514 13.04 -19.10 -22.33
CA GLY A 514 13.24 -18.70 -23.72
C GLY A 514 14.37 -19.43 -24.40
N ASP A 515 15.49 -19.64 -23.69
CA ASP A 515 16.60 -20.38 -24.27
C ASP A 515 16.21 -21.82 -24.58
N SER A 516 15.52 -22.48 -23.64
CA SER A 516 15.09 -23.85 -23.88
C SER A 516 14.12 -23.94 -25.04
N ARG A 517 13.18 -22.98 -25.13
CA ARG A 517 12.25 -22.97 -26.24
C ARG A 517 12.94 -22.66 -27.56
N LYS A 518 14.03 -21.92 -27.51
CA LYS A 518 14.71 -21.51 -28.74
C LYS A 518 15.56 -22.64 -29.31
N LYS A 519 16.56 -23.10 -28.55
CA LYS A 519 17.47 -24.09 -29.09
C LYS A 519 17.03 -25.52 -28.82
N LEU A 520 15.74 -25.73 -28.55
CA LEU A 520 15.13 -27.05 -28.47
C LEU A 520 15.86 -27.96 -27.47
N ARG A 521 16.09 -27.42 -26.27
CA ARG A 521 16.70 -28.19 -25.20
C ARG A 521 15.61 -28.76 -24.28
N GLU A 522 16.03 -29.63 -23.37
CA GLU A 522 15.13 -30.23 -22.40
C GLU A 522 15.19 -29.41 -21.11
N CYS A 523 14.03 -29.03 -20.59
CA CYS A 523 14.00 -28.13 -19.43
C CYS A 523 12.85 -28.48 -18.51
N HIS A 524 13.17 -28.88 -17.29
CA HIS A 524 12.18 -29.15 -16.26
C HIS A 524 12.29 -28.07 -15.19
N VAL A 525 11.16 -27.47 -14.83
CA VAL A 525 11.09 -26.40 -13.84
C VAL A 525 10.02 -26.79 -12.82
N ALA A 526 10.45 -27.14 -11.61
CA ALA A 526 9.54 -27.53 -10.55
C ALA A 526 9.49 -26.43 -9.51
N VAL A 527 8.29 -25.91 -9.23
CA VAL A 527 8.07 -24.97 -8.15
C VAL A 527 7.35 -25.70 -7.04
N LEU A 528 7.96 -25.74 -5.86
CA LEU A 528 7.35 -26.33 -4.69
C LEU A 528 7.33 -25.31 -3.56
N ASP A 529 6.14 -24.97 -3.08
CA ASP A 529 5.98 -23.91 -2.10
C ASP A 529 6.09 -24.49 -0.70
N PHE A 530 6.61 -23.69 0.21
CA PHE A 530 6.76 -24.12 1.59
C PHE A 530 5.55 -23.63 2.39
N ALA A 531 4.42 -24.30 2.18
CA ALA A 531 3.27 -24.13 3.06
C ALA A 531 3.50 -24.92 4.33
N LYS A 532 3.09 -24.35 5.46
CA LYS A 532 3.47 -24.85 6.77
C LYS A 532 4.98 -24.99 6.88
N ALA A 533 5.68 -24.00 6.35
CA ALA A 533 7.05 -23.74 6.80
C ALA A 533 7.05 -23.29 8.25
N PHE A 534 5.95 -22.66 8.69
CA PHE A 534 5.82 -22.14 10.04
C PHE A 534 5.06 -23.07 10.96
N ASP A 535 4.62 -24.25 10.50
CA ASP A 535 3.64 -25.00 11.27
C ASP A 535 3.98 -26.47 11.46
N THR A 536 5.10 -26.96 10.94
CA THR A 536 5.50 -28.33 11.23
C THR A 536 6.97 -28.51 11.59
N VAL A 537 7.78 -27.45 11.63
CA VAL A 537 9.18 -27.60 11.98
C VAL A 537 9.30 -28.06 13.42
N SER A 538 10.12 -29.08 13.64
CA SER A 538 10.29 -29.62 14.99
C SER A 538 11.31 -28.83 15.78
N HIS A 539 10.96 -28.52 17.04
CA HIS A 539 11.83 -27.71 17.87
C HIS A 539 13.16 -28.40 18.12
N GLU A 540 13.12 -29.69 18.43
CA GLU A 540 14.36 -30.40 18.75
C GLU A 540 15.29 -30.48 17.55
N ALA A 541 14.75 -30.78 16.37
CA ALA A 541 15.59 -30.84 15.18
C ALA A 541 16.12 -29.46 14.80
N LEU A 542 15.29 -28.42 14.97
CA LEU A 542 15.77 -27.07 14.68
C LEU A 542 16.90 -26.68 15.61
N VAL A 543 16.77 -26.99 16.91
CA VAL A 543 17.84 -26.70 17.86
C VAL A 543 19.09 -27.50 17.52
N GLU A 544 18.93 -28.77 17.14
CA GLU A 544 20.07 -29.60 16.81
C GLU A 544 20.78 -29.09 15.57
N LEU A 545 20.02 -28.65 14.56
CA LEU A 545 20.61 -28.06 13.37
C LEU A 545 21.38 -26.78 13.71
N LEU A 546 20.78 -25.92 14.54
CA LEU A 546 21.49 -24.72 14.95
C LEU A 546 22.71 -25.03 15.80
N ARG A 547 22.74 -26.18 16.47
CA ARG A 547 23.88 -26.55 17.29
C ARG A 547 25.09 -26.91 16.44
N LEU A 548 24.88 -27.73 15.40
CA LEU A 548 25.99 -28.20 14.58
C LEU A 548 26.42 -27.19 13.52
N ARG A 549 25.68 -26.09 13.35
CA ARG A 549 26.11 -25.04 12.44
C ARG A 549 27.30 -24.26 13.00
N GLY A 550 27.66 -24.46 14.26
CA GLY A 550 28.76 -23.77 14.88
C GLY A 550 28.39 -22.62 15.78
N MET A 551 27.11 -22.42 16.06
CA MET A 551 26.67 -21.31 16.88
C MET A 551 26.99 -21.55 18.34
N PRO A 552 27.09 -20.49 19.15
CA PRO A 552 27.43 -20.67 20.56
C PRO A 552 26.38 -21.48 21.30
N GLU A 553 26.84 -22.19 22.33
CA GLU A 553 25.94 -23.04 23.11
C GLU A 553 24.84 -22.21 23.78
N GLN A 554 25.17 -20.99 24.19
CA GLN A 554 24.21 -20.16 24.90
C GLN A 554 23.01 -19.80 24.02
N PHE A 555 23.27 -19.46 22.75
CA PHE A 555 22.17 -19.10 21.85
C PHE A 555 21.26 -20.29 21.59
N CYS A 556 21.84 -21.47 21.37
CA CYS A 556 21.02 -22.66 21.16
C CYS A 556 20.21 -22.99 22.41
N GLY A 557 20.83 -22.87 23.59
CA GLY A 557 20.09 -23.11 24.81
C GLY A 557 18.96 -22.12 25.01
N TYR A 558 19.19 -20.85 24.66
CA TYR A 558 18.15 -19.85 24.75
C TYR A 558 17.00 -20.17 23.81
N ILE A 559 17.31 -20.60 22.59
CA ILE A 559 16.26 -20.94 21.64
C ILE A 559 15.47 -22.14 22.13
N ALA A 560 16.17 -23.14 22.68
CA ALA A 560 15.48 -24.32 23.22
C ALA A 560 14.57 -23.95 24.37
N HIS A 561 15.04 -23.09 25.27
CA HIS A 561 14.19 -22.63 26.37
C HIS A 561 13.00 -21.82 25.86
N LEU A 562 13.23 -21.00 24.84
CA LEU A 562 12.16 -20.18 24.29
C LEU A 562 11.07 -21.04 23.69
N TYR A 563 11.45 -22.12 22.99
CA TYR A 563 10.46 -22.91 22.28
C TYR A 563 9.82 -23.98 23.16
N ASP A 564 10.58 -24.53 24.12
CA ASP A 564 9.98 -25.50 25.03
C ASP A 564 8.98 -24.83 25.96
N THR A 565 9.33 -23.67 26.53
CA THR A 565 8.43 -22.92 27.39
C THR A 565 7.67 -21.92 26.53
N ALA A 566 6.59 -22.40 25.93
CA ALA A 566 5.77 -21.60 25.04
C ALA A 566 4.30 -21.81 25.36
N SER A 567 3.49 -20.80 25.05
CA SER A 567 2.06 -20.84 25.31
C SER A 567 1.35 -19.96 24.30
N THR A 568 0.02 -20.00 24.35
CA THR A 568 -0.81 -19.27 23.40
C THR A 568 -2.24 -19.23 23.92
N THR A 569 -2.89 -18.09 23.78
CA THR A 569 -4.29 -17.91 24.15
C THR A 569 -5.09 -17.68 22.88
N LEU A 570 -6.13 -18.48 22.68
CA LEU A 570 -6.98 -18.38 21.50
C LEU A 570 -8.06 -17.35 21.78
N ALA A 571 -7.90 -16.16 21.23
CA ALA A 571 -8.85 -15.07 21.44
C ALA A 571 -9.75 -14.97 20.22
N VAL A 572 -10.97 -15.46 20.34
CA VAL A 572 -11.99 -15.37 19.30
C VAL A 572 -13.16 -14.59 19.87
N ASN A 573 -13.56 -13.52 19.16
CA ASN A 573 -14.65 -12.66 19.59
C ASN A 573 -14.43 -12.15 21.02
N ASN A 574 -13.18 -11.81 21.33
CA ASN A 574 -12.80 -11.27 22.63
C ASN A 574 -13.22 -12.19 23.77
N GLU A 575 -12.99 -13.48 23.59
CA GLU A 575 -13.19 -14.48 24.62
C GLU A 575 -11.86 -15.17 24.93
N MET A 576 -11.66 -15.49 26.19
CA MET A 576 -10.41 -16.11 26.62
C MET A 576 -10.39 -17.60 26.28
N SER A 577 -9.21 -18.19 26.44
CA SER A 577 -9.04 -19.62 26.28
C SER A 577 -7.90 -20.08 27.18
N SER A 578 -7.91 -21.36 27.51
CA SER A 578 -6.84 -21.93 28.32
C SER A 578 -5.52 -21.90 27.55
N PRO A 579 -4.38 -21.83 28.24
CA PRO A 579 -3.09 -21.80 27.54
C PRO A 579 -2.90 -23.03 26.66
N VAL A 580 -2.32 -22.81 25.50
CA VAL A 580 -2.14 -23.85 24.48
C VAL A 580 -0.64 -24.09 24.31
N LYS A 581 -0.22 -25.33 24.53
CA LYS A 581 1.15 -25.72 24.21
C LYS A 581 1.33 -25.76 22.69
N VAL A 582 2.56 -25.56 22.24
CA VAL A 582 2.89 -25.66 20.82
C VAL A 582 4.13 -26.53 20.68
N GLY A 583 4.08 -27.49 19.77
CA GLY A 583 5.19 -28.40 19.56
C GLY A 583 5.82 -28.31 18.18
N ARG A 584 5.25 -27.47 17.33
CA ARG A 584 5.75 -27.27 15.96
C ARG A 584 6.19 -25.83 15.80
N GLY A 585 7.44 -25.64 15.37
CA GLY A 585 8.16 -24.40 15.58
C GLY A 585 7.91 -23.33 14.54
N VAL A 586 8.77 -22.32 14.58
CA VAL A 586 8.72 -21.13 13.73
C VAL A 586 7.39 -20.41 13.94
N ARG A 587 7.40 -19.43 14.84
CA ARG A 587 6.20 -18.70 15.22
C ARG A 587 5.87 -17.63 14.19
N GLN A 588 4.59 -17.46 13.91
CA GLN A 588 4.15 -16.45 12.95
C GLN A 588 4.36 -15.06 13.53
N GLY A 589 5.07 -14.20 12.81
CA GLY A 589 5.26 -12.82 13.20
C GLY A 589 6.45 -12.55 14.09
N ASP A 590 7.13 -13.58 14.57
CA ASP A 590 8.32 -13.35 15.38
C ASP A 590 9.47 -12.88 14.49
N PRO A 591 10.29 -11.92 14.96
CA PRO A 591 11.42 -11.47 14.15
C PRO A 591 12.42 -12.57 13.81
N LEU A 592 12.63 -13.53 14.71
CA LEU A 592 13.62 -14.58 14.46
C LEU A 592 13.13 -15.65 13.49
N SER A 593 11.82 -15.78 13.30
CA SER A 593 11.29 -16.87 12.48
C SER A 593 11.77 -16.83 11.03
N PRO A 594 11.64 -15.75 10.27
CA PRO A 594 12.15 -15.75 8.90
C PRO A 594 13.66 -15.78 8.83
N ILE A 595 14.34 -15.57 9.95
CA ILE A 595 15.78 -15.69 10.00
C ILE A 595 16.19 -17.11 10.36
N LEU A 596 15.45 -17.75 11.27
CA LEU A 596 15.71 -19.15 11.59
C LEU A 596 15.44 -20.06 10.40
N PHE A 597 14.38 -19.78 9.63
CA PHE A 597 14.10 -20.61 8.47
C PHE A 597 15.15 -20.48 7.38
N ASN A 598 15.95 -19.42 7.40
CA ASN A 598 17.02 -19.30 6.42
C ASN A 598 18.09 -20.36 6.60
N VAL A 599 18.34 -20.78 7.84
CA VAL A 599 19.29 -21.88 8.08
C VAL A 599 18.77 -23.17 7.48
N VAL A 600 17.48 -23.44 7.68
CA VAL A 600 16.86 -24.64 7.11
C VAL A 600 16.92 -24.61 5.60
N MET A 601 16.61 -23.45 5.00
CA MET A 601 16.65 -23.35 3.54
C MET A 601 18.08 -23.47 3.01
N ASP A 602 19.06 -22.95 3.74
CA ASP A 602 20.45 -23.10 3.34
C ASP A 602 20.84 -24.57 3.37
N LEU A 603 20.41 -25.31 4.41
CA LEU A 603 20.65 -26.75 4.44
C LEU A 603 20.00 -27.45 3.26
N ILE A 604 18.76 -27.06 2.93
CA ILE A 604 18.06 -27.67 1.81
C ILE A 604 18.82 -27.45 0.52
N LEU A 605 19.27 -26.21 0.28
CA LEU A 605 20.02 -25.90 -0.92
C LEU A 605 21.33 -26.66 -0.97
N ALA A 606 22.03 -26.76 0.16
CA ALA A 606 23.30 -27.49 0.19
C ALA A 606 23.09 -28.97 -0.04
N SER A 607 21.89 -29.49 0.24
CA SER A 607 21.63 -30.90 0.01
C SER A 607 21.47 -31.26 -1.46
N LEU A 608 21.31 -30.28 -2.35
CA LEU A 608 21.04 -30.57 -3.74
C LEU A 608 22.24 -31.22 -4.42
N PRO A 609 22.01 -32.03 -5.45
CA PRO A 609 23.12 -32.64 -6.18
C PRO A 609 23.93 -31.61 -6.93
N GLU A 610 25.21 -31.95 -7.16
CA GLU A 610 26.14 -30.98 -7.73
C GLU A 610 25.90 -30.79 -9.23
N ARG A 611 26.04 -31.85 -10.01
CA ARG A 611 26.02 -31.76 -11.46
C ARG A 611 24.58 -31.82 -12.00
N VAL A 612 23.73 -30.95 -11.46
CA VAL A 612 22.36 -30.85 -11.90
C VAL A 612 22.04 -29.37 -12.14
N GLY A 613 21.07 -29.13 -13.02
CA GLY A 613 20.64 -27.79 -13.33
C GLY A 613 20.64 -27.56 -14.82
N TYR A 614 20.34 -26.32 -15.21
CA TYR A 614 20.25 -25.92 -16.60
C TYR A 614 21.46 -25.07 -16.95
N ARG A 615 22.06 -25.34 -18.12
CA ARG A 615 23.24 -24.59 -18.56
C ARG A 615 22.77 -23.39 -19.37
N LEU A 616 22.52 -22.29 -18.66
CA LEU A 616 22.10 -21.04 -19.29
C LEU A 616 23.34 -20.22 -19.60
N GLU A 617 23.80 -20.27 -20.85
CA GLU A 617 24.95 -19.51 -21.33
C GLU A 617 26.18 -19.79 -20.46
N MET A 618 26.58 -21.06 -20.46
CA MET A 618 27.76 -21.53 -19.72
C MET A 618 27.65 -21.29 -18.22
N GLU A 619 26.43 -21.09 -17.71
CA GLU A 619 26.20 -20.89 -16.30
C GLU A 619 25.20 -21.93 -15.81
N LEU A 620 25.54 -22.60 -14.71
CA LEU A 620 24.70 -23.67 -14.16
C LEU A 620 23.78 -23.07 -13.11
N VAL A 621 22.48 -23.02 -13.42
CA VAL A 621 21.47 -22.52 -12.49
C VAL A 621 20.75 -23.72 -11.91
N SER A 622 20.91 -23.94 -10.61
CA SER A 622 20.34 -25.10 -9.92
C SER A 622 18.99 -24.77 -9.28
N ALA A 623 18.96 -23.81 -8.37
CA ALA A 623 17.75 -23.50 -7.62
C ALA A 623 17.60 -22.01 -7.42
N LEU A 624 16.35 -21.55 -7.35
CA LEU A 624 15.98 -20.17 -7.08
C LEU A 624 15.05 -20.20 -5.87
N ALA A 625 15.52 -19.67 -4.75
CA ALA A 625 14.73 -19.65 -3.54
C ALA A 625 14.00 -18.33 -3.42
N TYR A 626 12.68 -18.35 -3.53
CA TYR A 626 11.88 -17.17 -3.27
C TYR A 626 11.65 -17.06 -1.77
N ALA A 627 10.68 -16.24 -1.37
CA ALA A 627 10.38 -16.10 0.05
C ALA A 627 10.08 -17.46 0.67
N TYR A 628 8.98 -18.08 0.25
CA TYR A 628 8.51 -19.37 0.75
C TYR A 628 8.24 -20.32 -0.40
N ASP A 629 9.19 -20.39 -1.33
CA ASP A 629 9.07 -21.22 -2.53
C ASP A 629 10.45 -21.64 -2.97
N LEU A 630 10.55 -22.86 -3.52
CA LEU A 630 11.76 -23.33 -4.17
C LEU A 630 11.45 -23.58 -5.63
N VAL A 631 12.28 -23.05 -6.52
CA VAL A 631 12.16 -23.30 -7.95
C VAL A 631 13.42 -24.05 -8.37
N LEU A 632 13.27 -25.30 -8.74
CA LEU A 632 14.39 -26.14 -9.17
C LEU A 632 14.34 -26.30 -10.68
N LEU A 633 15.48 -26.06 -11.33
CA LEU A 633 15.62 -26.21 -12.77
C LEU A 633 16.54 -27.40 -13.05
N ALA A 634 16.22 -28.16 -14.08
CA ALA A 634 17.04 -29.30 -14.45
C ALA A 634 16.92 -29.57 -15.94
N GLY A 635 17.90 -30.30 -16.47
CA GLY A 635 17.88 -30.67 -17.88
C GLY A 635 17.42 -32.10 -18.09
N SER A 636 17.83 -33.00 -17.20
CA SER A 636 17.48 -34.41 -17.29
C SER A 636 16.34 -34.75 -16.35
N LYS A 637 15.49 -35.69 -16.77
CA LYS A 637 14.44 -36.17 -15.89
C LYS A 637 15.01 -36.81 -14.64
N VAL A 638 16.09 -37.58 -14.79
CA VAL A 638 16.72 -38.21 -13.64
C VAL A 638 17.32 -37.15 -12.72
N GLY A 639 17.88 -36.08 -13.29
CA GLY A 639 18.42 -35.01 -12.47
C GLY A 639 17.34 -34.29 -11.68
N MET A 640 16.19 -34.03 -12.32
CA MET A 640 15.09 -33.38 -11.60
C MET A 640 14.53 -34.28 -10.51
N GLN A 641 14.39 -35.57 -10.80
CA GLN A 641 13.95 -36.49 -9.76
C GLN A 641 14.93 -36.55 -8.61
N GLU A 642 16.24 -36.51 -8.91
CA GLU A 642 17.25 -36.51 -7.87
C GLU A 642 17.15 -35.28 -6.99
N SER A 643 17.00 -34.10 -7.61
CA SER A 643 16.89 -32.87 -6.84
C SER A 643 15.65 -32.87 -5.95
N ILE A 644 14.51 -33.28 -6.52
CA ILE A 644 13.28 -33.35 -5.74
C ILE A 644 13.40 -34.34 -4.60
N SER A 645 14.05 -35.49 -4.86
CA SER A 645 14.23 -36.50 -3.83
C SER A 645 15.11 -35.99 -2.69
N ALA A 646 16.19 -35.28 -3.02
CA ALA A 646 17.03 -34.71 -1.98
C ALA A 646 16.27 -33.70 -1.13
N VAL A 647 15.51 -32.82 -1.79
CA VAL A 647 14.71 -31.83 -1.06
C VAL A 647 13.72 -32.54 -0.15
N ASP A 648 13.04 -33.57 -0.66
CA ASP A 648 12.04 -34.27 0.13
C ASP A 648 12.68 -35.00 1.32
N CYS A 649 13.84 -35.62 1.12
CA CYS A 649 14.48 -36.33 2.21
C CYS A 649 14.90 -35.37 3.32
N VAL A 650 15.47 -34.22 2.94
CA VAL A 650 15.87 -33.25 3.97
C VAL A 650 14.64 -32.69 4.68
N GLY A 651 13.58 -32.40 3.93
CA GLY A 651 12.36 -31.92 4.56
C GLY A 651 11.74 -32.94 5.50
N ARG A 652 11.85 -34.23 5.16
CA ARG A 652 11.31 -35.27 6.01
C ARG A 652 12.15 -35.48 7.26
N GLN A 653 13.46 -35.33 7.18
CA GLN A 653 14.30 -35.52 8.35
C GLN A 653 14.28 -34.34 9.31
N MET A 654 13.57 -33.26 8.97
CA MET A 654 13.44 -32.11 9.85
C MET A 654 11.99 -31.69 10.02
N GLY A 655 11.05 -32.56 9.68
CA GLY A 655 9.66 -32.33 10.01
C GLY A 655 8.90 -31.39 9.09
N LEU A 656 9.55 -30.85 8.07
CA LEU A 656 8.84 -29.95 7.16
C LEU A 656 7.84 -30.73 6.31
N ARG A 657 6.72 -30.10 6.00
CA ARG A 657 5.76 -30.65 5.07
C ARG A 657 5.72 -29.79 3.82
N LEU A 658 5.58 -30.43 2.66
CA LEU A 658 5.58 -29.75 1.38
C LEU A 658 4.22 -29.93 0.72
N ASN A 659 3.60 -28.82 0.36
CA ASN A 659 2.23 -28.84 -0.18
C ASN A 659 2.28 -29.31 -1.63
N CYS A 660 1.97 -30.59 -1.85
CA CYS A 660 1.82 -31.09 -3.21
C CYS A 660 0.59 -30.53 -3.90
N ARG A 661 -0.31 -29.88 -3.16
CA ARG A 661 -1.47 -29.25 -3.78
C ARG A 661 -1.15 -27.84 -4.28
N LYS A 662 -0.03 -27.26 -3.83
CA LYS A 662 0.41 -25.95 -4.27
C LYS A 662 1.79 -25.99 -4.92
N SER A 663 2.16 -27.12 -5.50
CA SER A 663 3.41 -27.25 -6.23
C SER A 663 3.13 -27.84 -7.60
N ALA A 664 4.03 -27.58 -8.55
CA ALA A 664 3.83 -28.04 -9.91
C ALA A 664 5.19 -28.21 -10.58
N VAL A 665 5.17 -28.92 -11.71
CA VAL A 665 6.35 -29.07 -12.56
C VAL A 665 5.93 -28.76 -13.98
N LEU A 666 6.70 -27.93 -14.66
CA LEU A 666 6.53 -27.64 -16.08
C LEU A 666 7.73 -28.24 -16.81
N SER A 667 7.47 -29.20 -17.69
CA SER A 667 8.54 -29.94 -18.35
C SER A 667 8.42 -29.76 -19.85
N MET A 668 9.52 -29.32 -20.47
CA MET A 668 9.62 -29.17 -21.91
C MET A 668 10.55 -30.25 -22.43
N ILE A 669 10.00 -31.17 -23.22
CA ILE A 669 10.72 -32.28 -23.83
C ILE A 669 10.78 -32.05 -25.33
N PRO A 670 11.94 -31.78 -25.90
CA PRO A 670 12.06 -31.71 -27.36
C PRO A 670 12.14 -33.09 -27.98
N ASP A 671 11.88 -33.14 -29.27
CA ASP A 671 12.05 -34.35 -30.06
C ASP A 671 12.68 -34.01 -31.40
N GLY A 672 13.48 -34.93 -31.91
CA GLY A 672 14.15 -34.71 -33.17
C GLY A 672 13.22 -34.89 -34.36
N HIS A 673 13.71 -34.43 -35.51
CA HIS A 673 13.04 -34.55 -36.81
C HIS A 673 11.71 -33.80 -36.87
N ARG A 674 11.41 -32.96 -35.89
CA ARG A 674 10.22 -32.13 -35.92
C ARG A 674 10.49 -30.67 -35.60
N LYS A 675 11.52 -30.35 -34.81
CA LYS A 675 11.88 -28.97 -34.49
C LYS A 675 10.72 -28.24 -33.81
N LYS A 676 10.09 -28.90 -32.84
CA LYS A 676 9.05 -28.30 -32.03
C LYS A 676 9.27 -28.66 -30.56
N HIS A 677 8.50 -28.02 -29.69
CA HIS A 677 8.53 -28.29 -28.26
C HIS A 677 7.19 -28.86 -27.81
N HIS A 678 7.25 -29.88 -26.97
CA HIS A 678 6.05 -30.57 -26.50
C HIS A 678 6.02 -30.56 -24.98
N TYR A 679 4.84 -30.30 -24.42
CA TYR A 679 4.65 -30.22 -22.98
C TYR A 679 4.20 -31.56 -22.44
N LEU A 680 4.84 -32.02 -21.37
CA LEU A 680 4.36 -33.21 -20.68
C LEU A 680 3.00 -32.95 -20.05
N THR A 681 2.09 -33.92 -20.20
CA THR A 681 0.76 -33.82 -19.62
C THR A 681 0.52 -34.80 -18.48
N GLU A 682 1.00 -36.03 -18.61
CA GLU A 682 0.87 -36.99 -17.53
C GLU A 682 1.88 -36.68 -16.43
N ARG A 683 1.52 -37.09 -15.21
CA ARG A 683 2.37 -36.81 -14.05
C ARG A 683 3.54 -37.79 -14.00
N THR A 684 4.74 -37.26 -13.85
CA THR A 684 5.95 -38.08 -13.86
C THR A 684 6.74 -38.00 -12.56
N PHE A 685 6.89 -36.82 -11.98
CA PHE A 685 7.64 -36.65 -10.75
C PHE A 685 6.73 -36.79 -9.54
N ASN A 686 7.34 -37.02 -8.37
CA ASN A 686 6.60 -37.21 -7.15
C ASN A 686 7.47 -36.84 -5.95
N ILE A 687 6.81 -36.39 -4.88
CA ILE A 687 7.49 -36.11 -3.63
C ILE A 687 7.12 -37.18 -2.61
N GLY A 688 7.96 -38.22 -2.53
CA GLY A 688 7.69 -39.30 -1.59
C GLY A 688 6.40 -40.05 -1.85
N GLY A 689 6.02 -40.21 -3.12
CA GLY A 689 4.84 -40.97 -3.47
C GLY A 689 3.74 -40.16 -4.10
N LYS A 690 3.50 -38.96 -3.60
CA LYS A 690 2.44 -38.11 -4.13
C LYS A 690 2.83 -37.55 -5.48
N PRO A 691 2.06 -37.79 -6.54
CA PRO A 691 2.44 -37.34 -7.88
C PRO A 691 2.23 -35.84 -8.05
N LEU A 692 3.31 -35.12 -8.34
CA LEU A 692 3.21 -33.69 -8.61
C LEU A 692 2.45 -33.44 -9.90
N ARG A 693 1.58 -32.43 -9.89
CA ARG A 693 0.81 -32.11 -11.07
C ARG A 693 1.70 -31.44 -12.11
N GLN A 694 1.44 -31.73 -13.37
CA GLN A 694 2.20 -31.17 -14.48
C GLN A 694 1.41 -30.03 -15.10
N VAL A 695 1.98 -28.84 -15.09
CA VAL A 695 1.36 -27.67 -15.69
C VAL A 695 2.08 -27.35 -17.00
N SER A 696 1.32 -26.87 -17.98
CA SER A 696 1.86 -26.61 -19.31
C SER A 696 2.27 -25.15 -19.51
N CYS A 697 1.60 -24.22 -18.84
CA CYS A 697 1.89 -22.80 -18.96
C CYS A 697 2.62 -22.31 -17.71
N VAL A 698 3.07 -21.06 -17.76
CA VAL A 698 3.61 -20.42 -16.59
C VAL A 698 2.60 -19.38 -16.12
N GLU A 699 1.66 -19.81 -15.29
CA GLU A 699 0.72 -18.92 -14.64
C GLU A 699 0.86 -18.97 -13.14
N ARG A 700 1.85 -19.69 -12.62
CA ARG A 700 2.22 -19.63 -11.22
C ARG A 700 3.31 -18.58 -11.02
N TRP A 701 3.02 -17.36 -11.48
CA TRP A 701 3.79 -16.19 -11.10
C TRP A 701 3.19 -15.62 -9.81
N ARG A 702 3.27 -16.40 -8.75
CA ARG A 702 2.87 -15.94 -7.42
C ARG A 702 4.06 -15.91 -6.46
N TYR A 703 5.27 -15.70 -6.97
CA TYR A 703 6.44 -15.58 -6.12
C TYR A 703 6.68 -14.12 -5.74
N LEU A 704 5.61 -13.48 -5.26
CA LEU A 704 5.66 -12.06 -4.95
C LEU A 704 5.37 -11.81 -3.48
N GLY A 705 4.79 -12.80 -2.79
CA GLY A 705 4.48 -12.64 -1.39
C GLY A 705 3.06 -13.02 -1.07
N VAL A 706 2.30 -12.09 -0.51
CA VAL A 706 0.93 -12.35 -0.12
C VAL A 706 0.10 -12.43 -1.40
N ASP A 707 -1.20 -12.69 -1.28
CA ASP A 707 -2.03 -13.16 -2.40
C ASP A 707 -1.49 -14.51 -2.88
N PHE A 708 -1.50 -15.48 -1.96
CA PHE A 708 -0.73 -16.70 -2.11
C PHE A 708 -1.31 -17.60 -3.19
N GLU A 709 -0.61 -18.69 -3.47
CA GLU A 709 -0.66 -19.37 -4.76
C GLU A 709 -1.83 -20.34 -4.85
N ALA A 710 -2.34 -20.52 -6.07
CA ALA A 710 -3.45 -21.41 -6.35
C ALA A 710 -3.04 -22.69 -7.08
N SER A 711 -1.79 -22.78 -7.54
CA SER A 711 -1.23 -23.96 -8.21
C SER A 711 -2.05 -24.34 -9.45
N GLY A 712 -2.02 -23.47 -10.44
CA GLY A 712 -2.60 -23.79 -11.74
C GLY A 712 -4.09 -23.97 -11.73
N CYS A 713 -4.76 -23.54 -10.68
CA CYS A 713 -6.22 -23.58 -10.62
C CYS A 713 -6.84 -22.30 -11.12
N VAL A 714 -6.36 -21.15 -10.64
CA VAL A 714 -6.78 -19.85 -11.13
C VAL A 714 -5.54 -18.98 -11.33
N THR A 715 -5.70 -17.94 -12.13
CA THR A 715 -4.59 -17.07 -12.51
C THR A 715 -4.30 -16.09 -11.38
N LEU A 716 -3.43 -15.11 -11.63
CA LEU A 716 -3.19 -14.06 -10.65
C LEU A 716 -4.43 -13.19 -10.46
N GLU A 717 -5.20 -12.99 -11.52
CA GLU A 717 -6.54 -12.45 -11.34
C GLU A 717 -7.39 -13.45 -10.58
N HIS A 718 -8.58 -13.01 -10.16
CA HIS A 718 -9.43 -13.71 -9.22
C HIS A 718 -8.78 -13.83 -7.84
N SER A 719 -7.56 -13.34 -7.71
CA SER A 719 -6.97 -12.96 -6.43
C SER A 719 -6.90 -11.46 -6.25
N ILE A 720 -6.78 -10.71 -7.35
CA ILE A 720 -7.00 -9.27 -7.33
C ILE A 720 -8.48 -8.96 -7.15
N SER A 721 -9.36 -9.71 -7.81
CA SER A 721 -10.79 -9.53 -7.63
C SER A 721 -11.19 -9.80 -6.19
N SER A 722 -10.61 -10.83 -5.58
CA SER A 722 -10.88 -11.10 -4.17
C SER A 722 -10.39 -9.96 -3.30
N ALA A 723 -9.21 -9.41 -3.59
CA ALA A 723 -8.71 -8.27 -2.82
C ALA A 723 -9.60 -7.04 -3.01
N LEU A 724 -10.07 -6.83 -4.24
CA LEU A 724 -10.99 -5.71 -4.47
C LEU A 724 -12.27 -5.88 -3.68
N ASN A 725 -12.80 -7.11 -3.61
CA ASN A 725 -13.98 -7.35 -2.79
C ASN A 725 -13.68 -7.15 -1.31
N ASN A 726 -12.50 -7.56 -0.86
CA ASN A 726 -12.13 -7.34 0.53
C ASN A 726 -12.12 -5.85 0.86
N ILE A 727 -11.56 -5.04 -0.03
CA ILE A 727 -11.57 -3.59 0.19
C ILE A 727 -12.99 -3.03 0.11
N SER A 728 -13.82 -3.61 -0.76
CA SER A 728 -15.16 -3.06 -0.98
C SER A 728 -16.08 -3.35 0.20
N ARG A 729 -15.93 -4.50 0.84
CA ARG A 729 -16.83 -4.90 1.92
C ARG A 729 -16.35 -4.49 3.29
N ALA A 730 -15.18 -3.87 3.41
CA ALA A 730 -14.65 -3.51 4.70
C ALA A 730 -15.34 -2.27 5.27
N PRO A 731 -15.31 -2.09 6.59
CA PRO A 731 -15.86 -0.86 7.19
C PRO A 731 -14.91 0.33 7.06
N LEU A 732 -14.84 0.87 5.86
CA LEU A 732 -13.94 1.98 5.54
C LEU A 732 -14.74 3.13 4.93
N LYS A 733 -14.04 4.24 4.71
CA LYS A 733 -14.51 5.42 4.00
C LYS A 733 -14.01 5.39 2.55
N PRO A 734 -14.73 6.03 1.62
CA PRO A 734 -14.30 5.97 0.21
C PRO A 734 -12.89 6.45 -0.03
N GLN A 735 -12.47 7.52 0.66
CA GLN A 735 -11.09 7.98 0.52
C GLN A 735 -10.11 6.96 1.08
N GLN A 736 -10.50 6.27 2.15
CA GLN A 736 -9.64 5.23 2.71
C GLN A 736 -9.47 4.08 1.72
N ARG A 737 -10.55 3.67 1.06
CA ARG A 737 -10.45 2.64 0.02
C ARG A 737 -9.55 3.10 -1.11
N LEU A 738 -9.73 4.34 -1.57
CA LEU A 738 -8.88 4.88 -2.63
C LEU A 738 -7.41 4.82 -2.23
N GLU A 739 -7.09 5.24 -1.00
CA GLU A 739 -5.70 5.26 -0.57
C GLU A 739 -5.13 3.86 -0.45
N ILE A 740 -5.92 2.92 0.08
CA ILE A 740 -5.44 1.54 0.23
C ILE A 740 -5.13 0.95 -1.13
N LEU A 741 -6.04 1.11 -2.08
CA LEU A 741 -5.81 0.58 -3.42
C LEU A 741 -4.64 1.28 -4.10
N ARG A 742 -4.51 2.60 -3.91
CA ARG A 742 -3.42 3.35 -4.51
C ARG A 742 -2.06 2.84 -4.04
N ALA A 743 -1.87 2.76 -2.72
CA ALA A 743 -0.53 2.63 -2.18
C ALA A 743 -0.19 1.23 -1.68
N HIS A 744 -1.15 0.31 -1.60
CA HIS A 744 -0.84 -0.97 -1.00
C HIS A 744 -1.25 -2.16 -1.86
N LEU A 745 -2.31 -2.03 -2.64
CA LEU A 745 -2.76 -3.15 -3.47
C LEU A 745 -1.95 -3.25 -4.76
N ILE A 746 -1.90 -2.16 -5.53
CA ILE A 746 -1.21 -2.21 -6.83
C ILE A 746 0.27 -2.55 -6.69
N PRO A 747 1.05 -1.91 -5.81
CA PRO A 747 2.48 -2.24 -5.73
C PRO A 747 2.79 -3.64 -5.24
N ARG A 748 1.79 -4.44 -4.90
CA ARG A 748 2.01 -5.74 -4.30
C ARG A 748 1.67 -6.92 -5.20
N PHE A 749 0.78 -6.76 -6.17
CA PHE A 749 0.55 -7.77 -7.18
C PHE A 749 1.22 -7.47 -8.51
N GLN A 750 1.68 -6.23 -8.72
CA GLN A 750 2.16 -5.84 -10.04
C GLN A 750 3.42 -6.57 -10.47
N HIS A 751 4.17 -7.14 -9.52
CA HIS A 751 5.39 -7.85 -9.88
C HIS A 751 5.09 -9.10 -10.68
N GLY A 752 4.05 -9.84 -10.30
CA GLY A 752 3.78 -11.14 -10.91
C GLY A 752 3.52 -11.08 -12.39
N PHE A 753 2.98 -9.96 -12.87
CA PHE A 753 2.68 -9.84 -14.30
C PHE A 753 3.94 -9.64 -15.14
N VAL A 754 5.10 -9.51 -14.51
CA VAL A 754 6.37 -9.46 -15.23
C VAL A 754 7.01 -10.86 -15.37
N LEU A 755 6.73 -11.78 -14.44
CA LEU A 755 7.36 -13.10 -14.43
C LEU A 755 6.78 -13.99 -15.53
N GLY A 756 6.96 -13.58 -16.77
CA GLY A 756 6.53 -14.38 -17.91
C GLY A 756 6.45 -13.54 -19.17
N ASN A 757 5.65 -14.04 -20.11
CA ASN A 757 5.34 -13.33 -21.34
C ASN A 757 3.93 -12.76 -21.20
N ILE A 758 3.80 -11.45 -21.40
CA ILE A 758 2.52 -10.78 -21.16
C ILE A 758 2.18 -9.88 -22.34
N SER A 759 0.90 -9.58 -22.45
CA SER A 759 0.32 -8.81 -23.54
C SER A 759 -0.31 -7.54 -22.99
N ASP A 760 -0.62 -6.62 -23.89
CA ASP A 760 -1.24 -5.35 -23.50
C ASP A 760 -2.71 -5.53 -23.13
N ASP A 761 -3.39 -6.52 -23.72
CA ASP A 761 -4.81 -6.70 -23.48
C ASP A 761 -5.08 -7.13 -22.05
N ARG A 762 -4.24 -8.00 -21.49
CA ARG A 762 -4.43 -8.42 -20.11
C ARG A 762 -4.29 -7.23 -19.15
N LEU A 763 -3.28 -6.39 -19.37
CA LEU A 763 -3.09 -5.22 -18.53
C LEU A 763 -4.24 -4.23 -18.68
N ARG A 764 -4.72 -4.05 -19.91
CA ARG A 764 -5.86 -3.15 -20.12
C ARG A 764 -7.10 -3.67 -19.44
N MET A 765 -7.31 -4.99 -19.45
CA MET A 765 -8.47 -5.56 -18.78
C MET A 765 -8.36 -5.42 -17.26
N LEU A 766 -7.16 -5.59 -16.72
CA LEU A 766 -6.95 -5.34 -15.30
C LEU A 766 -7.26 -3.89 -14.95
N ASP A 767 -6.81 -2.96 -15.79
CA ASP A 767 -7.15 -1.55 -15.59
C ASP A 767 -8.65 -1.31 -15.62
N VAL A 768 -9.34 -1.94 -16.56
CA VAL A 768 -10.78 -1.79 -16.67
C VAL A 768 -11.46 -2.26 -15.38
N GLN A 769 -11.04 -3.42 -14.88
CA GLN A 769 -11.64 -3.96 -13.66
C GLN A 769 -11.39 -3.06 -12.47
N ILE A 770 -10.16 -2.57 -12.32
CA ILE A 770 -9.83 -1.68 -11.20
C ILE A 770 -10.63 -0.39 -11.28
N ARG A 771 -10.75 0.18 -12.47
CA ARG A 771 -11.51 1.41 -12.64
C ARG A 771 -12.99 1.19 -12.34
N LYS A 772 -13.53 0.02 -12.71
CA LYS A 772 -14.91 -0.27 -12.36
C LYS A 772 -15.08 -0.35 -10.84
N ALA A 773 -14.13 -0.96 -10.15
CA ALA A 773 -14.19 -0.99 -8.69
C ALA A 773 -14.16 0.40 -8.09
N VAL A 774 -13.28 1.27 -8.61
CA VAL A 774 -13.18 2.63 -8.09
C VAL A 774 -14.46 3.40 -8.34
N GLY A 775 -15.02 3.27 -9.55
CA GLY A 775 -16.28 3.92 -9.84
C GLY A 775 -17.42 3.41 -8.99
N GLN A 776 -17.38 2.14 -8.62
CA GLN A 776 -18.35 1.61 -7.66
C GLN A 776 -18.18 2.26 -6.28
N TRP A 777 -16.93 2.42 -5.84
CA TRP A 777 -16.70 3.04 -4.54
C TRP A 777 -17.15 4.49 -4.50
N LEU A 778 -16.87 5.24 -5.56
CA LEU A 778 -17.14 6.67 -5.60
C LEU A 778 -18.47 7.02 -6.25
N ARG A 779 -19.22 6.03 -6.72
CA ARG A 779 -20.51 6.25 -7.38
C ARG A 779 -20.38 7.08 -8.65
N LEU A 780 -19.20 7.03 -9.27
CA LEU A 780 -18.99 7.79 -10.50
C LEU A 780 -19.71 7.12 -11.67
N PRO A 781 -20.20 7.91 -12.62
CA PRO A 781 -20.83 7.32 -13.82
C PRO A 781 -19.81 6.68 -14.75
N ALA A 782 -20.30 6.10 -15.85
CA ALA A 782 -19.40 5.42 -16.78
C ALA A 782 -18.59 6.42 -17.61
N ASP A 783 -19.23 7.50 -18.06
CA ASP A 783 -18.58 8.44 -18.97
C ASP A 783 -17.77 9.49 -18.22
N VAL A 784 -16.88 9.04 -17.33
CA VAL A 784 -15.93 9.91 -16.65
C VAL A 784 -14.60 9.75 -17.39
N PRO A 785 -13.83 10.81 -17.58
CA PRO A 785 -12.55 10.67 -18.28
C PRO A 785 -11.67 9.58 -17.67
N LYS A 786 -11.14 8.73 -18.53
CA LYS A 786 -10.27 7.65 -18.07
C LYS A 786 -8.99 8.19 -17.46
N ALA A 787 -8.54 9.36 -17.90
CA ALA A 787 -7.34 9.96 -17.34
C ALA A 787 -7.56 10.53 -15.95
N TYR A 788 -8.82 10.78 -15.57
CA TYR A 788 -9.08 11.34 -14.24
C TYR A 788 -8.69 10.37 -13.15
N TYR A 789 -8.90 9.07 -13.37
CA TYR A 789 -8.53 8.08 -12.37
C TYR A 789 -7.02 8.01 -12.19
N HIS A 790 -6.27 8.20 -13.26
CA HIS A 790 -4.84 7.92 -13.24
C HIS A 790 -3.97 9.16 -13.14
N ALA A 791 -4.47 10.33 -13.53
CA ALA A 791 -3.65 11.54 -13.50
C ALA A 791 -3.23 11.86 -12.07
N ALA A 792 -2.04 12.44 -11.93
CA ALA A 792 -1.48 12.70 -10.61
C ALA A 792 -2.36 13.66 -9.82
N VAL A 793 -2.15 13.66 -8.51
CA VAL A 793 -2.96 14.52 -7.64
C VAL A 793 -2.69 15.99 -7.94
N GLN A 794 -1.44 16.33 -8.25
CA GLN A 794 -1.10 17.72 -8.51
C GLN A 794 -1.88 18.27 -9.70
N ASP A 795 -1.99 17.50 -10.78
CA ASP A 795 -2.75 17.92 -11.95
C ASP A 795 -4.25 17.82 -11.73
N GLY A 796 -4.68 17.12 -10.69
CA GLY A 796 -6.09 16.94 -10.40
C GLY A 796 -6.54 15.58 -10.87
N GLY A 797 -6.60 14.61 -9.97
CA GLY A 797 -6.91 13.25 -10.35
C GLY A 797 -6.65 12.30 -9.20
N LEU A 798 -7.34 11.17 -9.19
CA LEU A 798 -7.23 10.25 -8.08
C LEU A 798 -5.89 9.54 -8.01
N ALA A 799 -5.09 9.63 -9.06
CA ALA A 799 -3.73 9.07 -9.08
C ALA A 799 -3.73 7.57 -8.81
N ILE A 800 -4.70 6.86 -9.36
CA ILE A 800 -4.71 5.41 -9.33
C ILE A 800 -3.71 4.92 -10.37
N PRO A 801 -2.65 4.22 -9.98
CA PRO A 801 -1.66 3.79 -10.98
C PRO A 801 -2.28 2.81 -11.97
N SER A 802 -1.81 2.89 -13.21
CA SER A 802 -2.30 2.05 -14.30
C SER A 802 -1.25 0.99 -14.58
N VAL A 803 -1.57 -0.27 -14.30
CA VAL A 803 -0.60 -1.34 -14.51
C VAL A 803 -0.21 -1.44 -15.96
N ARG A 804 -1.14 -1.08 -16.86
CA ARG A 804 -0.84 -1.04 -18.29
C ARG A 804 0.35 -0.11 -18.57
N ALA A 805 0.53 0.92 -17.77
CA ALA A 805 1.61 1.86 -17.99
C ALA A 805 2.78 1.67 -17.04
N THR A 806 2.56 1.17 -15.83
CA THR A 806 3.64 1.00 -14.88
C THR A 806 4.29 -0.37 -14.95
N ILE A 807 3.74 -1.31 -15.71
CA ILE A 807 4.41 -2.59 -15.90
C ILE A 807 5.51 -2.43 -16.95
N PRO A 808 5.27 -1.79 -18.11
CA PRO A 808 6.40 -1.49 -19.01
C PRO A 808 7.48 -0.65 -18.34
N ASP A 809 7.08 0.34 -17.54
CA ASP A 809 8.06 1.17 -16.84
C ASP A 809 8.85 0.34 -15.85
N LEU A 810 8.18 -0.57 -15.14
CA LEU A 810 8.87 -1.46 -14.22
C LEU A 810 9.88 -2.34 -14.94
N ILE A 811 9.48 -2.90 -16.10
CA ILE A 811 10.40 -3.74 -16.87
C ILE A 811 11.61 -2.94 -17.31
N VAL A 812 11.38 -1.72 -17.82
CA VAL A 812 12.48 -0.88 -18.31
C VAL A 812 13.44 -0.55 -17.18
N ARG A 813 12.91 -0.17 -16.02
CA ARG A 813 13.77 0.23 -14.91
C ARG A 813 14.48 -0.95 -14.29
N ARG A 814 13.86 -2.13 -14.31
CA ARG A 814 14.37 -3.30 -13.62
C ARG A 814 15.38 -4.10 -14.45
N PHE A 815 15.08 -4.32 -15.73
CA PHE A 815 15.96 -5.10 -16.60
C PHE A 815 17.03 -4.25 -17.27
N GLY A 816 16.95 -2.93 -17.18
CA GLY A 816 18.00 -2.10 -17.75
C GLY A 816 19.32 -2.26 -17.02
N GLY A 817 19.27 -2.35 -15.70
CA GLY A 817 20.48 -2.50 -14.91
C GLY A 817 20.77 -3.95 -14.60
N LEU A 818 20.22 -4.85 -15.42
CA LEU A 818 20.40 -6.28 -15.18
C LEU A 818 21.86 -6.68 -15.24
N ASP A 819 22.60 -6.15 -16.22
CA ASP A 819 24.01 -6.48 -16.35
C ASP A 819 24.91 -5.78 -15.35
N SER A 820 24.38 -4.82 -14.58
CA SER A 820 25.13 -4.15 -13.54
C SER A 820 25.00 -4.80 -12.18
N SER A 821 24.13 -5.82 -12.05
CA SER A 821 23.94 -6.47 -10.77
C SER A 821 25.17 -7.29 -10.40
N PRO A 822 25.41 -7.53 -9.09
CA PRO A 822 26.58 -8.33 -8.73
C PRO A 822 26.32 -9.82 -8.70
N TRP A 823 25.14 -10.26 -9.13
CA TRP A 823 24.91 -11.67 -9.40
C TRP A 823 25.59 -12.05 -10.70
N SER A 824 25.95 -13.33 -10.80
CA SER A 824 26.57 -13.85 -12.00
C SER A 824 25.57 -14.45 -12.97
N VAL A 825 24.55 -15.13 -12.46
CA VAL A 825 23.54 -15.71 -13.32
C VAL A 825 22.66 -14.62 -13.94
N ALA A 826 22.37 -13.57 -13.17
CA ALA A 826 21.56 -12.47 -13.68
C ALA A 826 22.26 -11.75 -14.82
N ARG A 827 23.56 -11.56 -14.71
CA ARG A 827 24.32 -10.94 -15.80
C ARG A 827 24.26 -11.80 -17.05
N ALA A 828 24.34 -13.12 -16.90
CA ALA A 828 24.19 -14.01 -18.04
C ALA A 828 22.80 -13.90 -18.65
N ALA A 829 21.77 -13.81 -17.81
CA ALA A 829 20.41 -13.66 -18.31
C ALA A 829 20.18 -12.31 -18.96
N ALA A 830 21.01 -11.32 -18.65
CA ALA A 830 20.87 -10.00 -19.26
C ALA A 830 21.12 -10.05 -20.76
N LYS A 831 22.13 -10.80 -21.19
CA LYS A 831 22.52 -10.89 -22.60
C LYS A 831 21.88 -12.12 -23.22
N SER A 832 20.56 -12.06 -23.37
CA SER A 832 19.81 -13.16 -23.97
C SER A 832 18.94 -12.59 -25.09
N ASP A 833 18.09 -13.44 -25.65
CA ASP A 833 17.21 -13.04 -26.75
C ASP A 833 15.81 -12.66 -26.27
N LYS A 834 15.26 -13.43 -25.33
CA LYS A 834 13.92 -13.12 -24.82
C LYS A 834 13.94 -11.86 -23.96
N ILE A 835 14.99 -11.70 -23.15
CA ILE A 835 15.10 -10.52 -22.29
C ILE A 835 15.20 -9.26 -23.12
N ARG A 836 16.03 -9.29 -24.18
CA ARG A 836 16.17 -8.11 -25.04
C ARG A 836 14.87 -7.80 -25.77
N LYS A 837 14.16 -8.82 -26.26
CA LYS A 837 12.90 -8.59 -26.94
C LYS A 837 11.86 -8.00 -26.00
N LYS A 838 11.81 -8.51 -24.76
CA LYS A 838 10.87 -7.96 -23.79
C LYS A 838 11.26 -6.53 -23.43
N LEU A 839 12.55 -6.24 -23.36
CA LEU A 839 12.99 -4.87 -23.09
C LEU A 839 12.59 -3.93 -24.21
N ARG A 840 12.72 -4.39 -25.47
CA ARG A 840 12.29 -3.57 -26.59
C ARG A 840 10.78 -3.34 -26.55
N TRP A 841 10.01 -4.37 -26.23
CA TRP A 841 8.56 -4.20 -26.11
C TRP A 841 8.22 -3.22 -25.00
N ALA A 842 8.94 -3.30 -23.87
CA ALA A 842 8.69 -2.40 -22.75
C ALA A 842 9.03 -0.97 -23.13
N TRP A 843 10.14 -0.76 -23.83
CA TRP A 843 10.50 0.59 -24.27
C TRP A 843 9.45 1.14 -25.23
N LYS A 844 8.97 0.32 -26.15
CA LYS A 844 7.93 0.76 -27.08
C LYS A 844 6.65 1.13 -26.34
N GLN A 845 6.24 0.31 -25.38
CA GLN A 845 5.02 0.61 -24.63
C GLN A 845 5.18 1.87 -23.78
N LEU A 846 6.36 2.05 -23.18
CA LEU A 846 6.59 3.26 -22.40
C LEU A 846 6.58 4.50 -23.30
N ARG A 847 7.23 4.42 -24.46
CA ARG A 847 7.25 5.56 -25.37
C ARG A 847 5.86 5.88 -25.90
N ARG A 848 5.01 4.87 -26.05
CA ARG A 848 3.65 5.13 -26.49
C ARG A 848 2.71 5.51 -25.35
N PHE A 849 3.12 5.33 -24.10
CA PHE A 849 2.32 5.65 -22.93
C PHE A 849 3.05 6.64 -22.02
N SER A 850 3.63 7.67 -22.62
CA SER A 850 4.38 8.66 -21.86
C SER A 850 4.60 9.89 -22.74
N ARG A 851 5.09 10.95 -22.11
CA ARG A 851 5.58 12.13 -22.80
C ARG A 851 6.94 12.48 -22.23
N VAL A 852 7.81 13.02 -23.08
CA VAL A 852 9.18 13.30 -22.67
C VAL A 852 9.20 14.53 -21.79
N ASP A 853 9.75 14.37 -20.59
CA ASP A 853 9.84 15.49 -19.66
C ASP A 853 10.91 16.46 -20.12
N SER A 854 10.52 17.73 -20.29
CA SER A 854 11.45 18.72 -20.84
C SER A 854 12.63 18.95 -19.91
N THR A 855 12.39 18.97 -18.60
CA THR A 855 13.43 19.32 -17.64
C THR A 855 14.47 18.22 -17.46
N THR A 856 14.17 16.98 -17.83
CA THR A 856 15.10 15.88 -17.64
C THR A 856 15.26 14.99 -18.86
N GLN A 857 14.52 15.23 -19.94
CA GLN A 857 14.62 14.44 -21.17
C GLN A 857 14.40 12.96 -20.90
N ARG A 858 13.45 12.65 -20.03
CA ARG A 858 13.10 11.29 -19.68
C ARG A 858 11.60 11.09 -19.85
N PRO A 859 11.18 9.87 -20.19
CA PRO A 859 9.74 9.61 -20.31
C PRO A 859 9.04 9.74 -18.97
N SER A 860 7.79 10.18 -19.01
CA SER A 860 7.01 10.37 -17.79
C SER A 860 5.55 10.08 -18.09
N VAL A 861 4.98 9.09 -17.41
CA VAL A 861 3.58 8.76 -17.57
C VAL A 861 2.70 9.86 -17.01
N ARG A 862 3.20 10.58 -15.99
CA ARG A 862 2.41 11.64 -15.38
C ARG A 862 2.07 12.73 -16.39
N LEU A 863 3.04 13.11 -17.23
CA LEU A 863 2.78 14.10 -18.27
C LEU A 863 1.78 13.59 -19.29
N PHE A 864 1.85 12.30 -19.63
CA PHE A 864 0.89 11.72 -20.56
C PHE A 864 -0.53 11.83 -20.01
N TRP A 865 -0.72 11.42 -18.75
CA TRP A 865 -2.05 11.49 -18.15
C TRP A 865 -2.51 12.93 -17.99
N ARG A 866 -1.59 13.84 -17.64
CA ARG A 866 -1.95 15.25 -17.51
C ARG A 866 -2.41 15.82 -18.85
N GLU A 867 -1.68 15.51 -19.92
CA GLU A 867 -2.07 16.01 -21.25
C GLU A 867 -3.40 15.42 -21.67
N HIS A 868 -3.64 14.15 -21.37
CA HIS A 868 -4.91 13.53 -21.77
C HIS A 868 -6.08 14.06 -20.96
N LEU A 869 -5.85 14.41 -19.69
CA LEU A 869 -6.94 14.88 -18.85
C LEU A 869 -7.25 16.35 -19.10
N HIS A 870 -6.22 17.21 -19.11
CA HIS A 870 -6.43 18.63 -19.34
C HIS A 870 -7.02 18.92 -20.71
N ALA A 871 -6.85 18.02 -21.67
CA ALA A 871 -7.44 18.19 -22.99
C ALA A 871 -8.84 17.60 -23.08
N SER A 872 -9.32 16.95 -22.03
CA SER A 872 -10.65 16.35 -22.05
C SER A 872 -11.71 17.44 -21.97
N VAL A 873 -12.97 17.02 -21.90
CA VAL A 873 -14.06 17.97 -21.76
C VAL A 873 -14.24 18.38 -20.30
N ASP A 874 -14.43 17.39 -19.42
CA ASP A 874 -14.64 17.68 -18.01
C ASP A 874 -13.35 18.05 -17.30
N GLY A 875 -12.23 17.46 -17.70
CA GLY A 875 -10.95 17.77 -17.09
C GLY A 875 -10.26 18.98 -17.63
N ARG A 876 -10.89 19.71 -18.55
CA ARG A 876 -10.27 20.91 -19.11
C ARG A 876 -10.14 22.00 -18.07
N GLU A 877 -11.22 22.25 -17.32
CA GLU A 877 -11.23 23.33 -16.35
C GLU A 877 -10.29 23.10 -15.18
N LEU A 878 -9.76 21.89 -15.02
CA LEU A 878 -8.74 21.61 -14.02
C LEU A 878 -7.34 21.91 -14.50
N ARG A 879 -7.18 22.41 -15.73
CA ARG A 879 -5.87 22.57 -16.33
C ARG A 879 -4.97 23.51 -15.55
N GLU A 880 -5.54 24.42 -14.75
CA GLU A 880 -4.75 25.36 -13.99
C GLU A 880 -4.29 24.80 -12.65
N SER A 881 -4.76 23.62 -12.27
CA SER A 881 -4.44 23.08 -10.96
C SER A 881 -2.99 22.59 -10.86
N THR A 882 -2.26 22.56 -11.97
CA THR A 882 -0.88 22.08 -11.93
C THR A 882 0.03 23.08 -11.22
N ARG A 883 -0.17 24.37 -11.46
CA ARG A 883 0.72 25.39 -10.93
C ARG A 883 0.43 25.76 -9.49
N THR A 884 -0.73 25.37 -8.95
CA THR A 884 -1.09 25.62 -7.56
C THR A 884 -1.30 24.28 -6.88
N PRO A 885 -0.25 23.70 -6.27
CA PRO A 885 -0.40 22.39 -5.64
C PRO A 885 -1.34 22.37 -4.46
N THR A 886 -1.67 23.54 -3.88
CA THR A 886 -2.57 23.58 -2.73
C THR A 886 -4.04 23.51 -3.13
N SER A 887 -4.36 23.58 -4.42
CA SER A 887 -5.75 23.46 -4.84
C SER A 887 -6.22 22.00 -4.91
N THR A 888 -5.32 21.05 -4.72
CA THR A 888 -5.64 19.63 -4.77
C THR A 888 -5.04 18.90 -3.58
N LYS A 889 -4.98 19.58 -2.44
CA LYS A 889 -4.51 18.95 -1.21
C LYS A 889 -5.58 18.13 -0.51
N TRP A 890 -6.85 18.29 -0.88
CA TRP A 890 -7.92 17.52 -0.28
C TRP A 890 -8.06 16.13 -0.86
N ILE A 891 -7.59 15.92 -2.09
CA ILE A 891 -7.80 14.62 -2.75
C ILE A 891 -7.04 13.53 -2.03
N ARG A 892 -5.83 13.81 -1.58
CA ARG A 892 -5.04 12.81 -0.87
C ARG A 892 -4.63 13.25 0.53
N GLU A 893 -4.10 14.47 0.68
CA GLU A 893 -3.49 14.86 1.95
C GLU A 893 -4.55 15.08 3.03
N ARG A 894 -5.46 16.01 2.80
CA ARG A 894 -6.49 16.35 3.79
C ARG A 894 -7.77 15.56 3.49
N CYS A 895 -7.67 14.25 3.61
CA CYS A 895 -8.79 13.34 3.43
C CYS A 895 -9.45 12.94 4.74
N ALA A 896 -8.66 12.66 5.77
CA ALA A 896 -9.21 12.29 7.06
C ALA A 896 -9.97 13.42 7.72
N GLN A 897 -9.83 14.65 7.24
CA GLN A 897 -10.54 15.80 7.77
C GLN A 897 -11.87 16.05 7.06
N ILE A 898 -12.26 15.19 6.12
CA ILE A 898 -13.47 15.36 5.33
C ILE A 898 -14.35 14.13 5.53
N THR A 899 -15.65 14.35 5.69
CA THR A 899 -16.56 13.24 5.85
C THR A 899 -16.72 12.48 4.53
N GLY A 900 -17.26 11.27 4.61
CA GLY A 900 -17.34 10.41 3.44
C GLY A 900 -18.23 10.99 2.36
N ARG A 901 -19.42 11.45 2.75
CA ARG A 901 -20.32 12.05 1.76
C ARG A 901 -19.75 13.36 1.24
N ASP A 902 -19.06 14.12 2.10
CA ASP A 902 -18.40 15.33 1.65
C ASP A 902 -17.32 15.02 0.61
N PHE A 903 -16.49 14.01 0.87
CA PHE A 903 -15.45 13.66 -0.09
C PHE A 903 -16.05 13.17 -1.41
N VAL A 904 -17.10 12.34 -1.34
CA VAL A 904 -17.70 11.82 -2.56
C VAL A 904 -18.31 12.96 -3.38
N GLN A 905 -19.02 13.88 -2.72
CA GLN A 905 -19.63 14.99 -3.44
C GLN A 905 -18.57 15.95 -3.96
N PHE A 906 -17.46 16.11 -3.25
CA PHE A 906 -16.35 16.92 -3.75
C PHE A 906 -15.78 16.31 -5.03
N VAL A 907 -15.61 14.99 -5.05
CA VAL A 907 -15.12 14.33 -6.25
C VAL A 907 -16.12 14.47 -7.38
N HIS A 908 -17.42 14.35 -7.07
CA HIS A 908 -18.45 14.48 -8.10
C HIS A 908 -18.46 15.87 -8.72
N THR A 909 -18.34 16.91 -7.90
CA THR A 909 -18.34 18.27 -8.44
C THR A 909 -17.03 18.60 -9.13
N HIS A 910 -15.92 18.06 -8.63
CA HIS A 910 -14.60 18.37 -9.18
C HIS A 910 -14.49 17.91 -10.63
N ILE A 911 -14.94 16.69 -10.93
CA ILE A 911 -14.89 16.19 -12.30
C ILE A 911 -16.18 16.49 -13.06
N ASN A 912 -17.09 17.23 -12.46
CA ASN A 912 -18.37 17.59 -13.09
C ASN A 912 -19.15 16.35 -13.49
N ALA A 913 -19.22 15.38 -12.57
CA ALA A 913 -20.06 14.22 -12.76
C ALA A 913 -21.50 14.46 -12.34
N LEU A 914 -21.82 15.68 -11.94
CA LEU A 914 -23.17 16.01 -11.50
C LEU A 914 -24.14 15.86 -12.67
N PRO A 915 -25.28 15.20 -12.49
CA PRO A 915 -26.22 15.03 -13.60
C PRO A 915 -26.96 16.32 -13.89
N SER A 916 -26.79 16.82 -15.11
CA SER A 916 -27.49 18.00 -15.60
C SER A 916 -28.11 17.68 -16.94
N ARG A 917 -28.94 18.59 -17.43
CA ARG A 917 -29.59 18.37 -18.72
C ARG A 917 -28.60 18.40 -19.88
N ILE A 918 -27.37 18.85 -19.65
CA ILE A 918 -26.34 18.83 -20.67
C ILE A 918 -25.36 17.68 -20.45
N ARG A 919 -24.85 17.53 -19.23
CA ARG A 919 -23.93 16.42 -18.97
C ARG A 919 -24.65 15.08 -18.94
N GLY A 920 -25.87 15.05 -18.43
CA GLY A 920 -26.60 13.80 -18.36
C GLY A 920 -27.29 13.40 -19.65
N SER A 921 -27.13 14.18 -20.71
CA SER A 921 -27.79 13.94 -21.99
C SER A 921 -26.77 13.88 -23.12
N ARG A 922 -25.69 13.12 -22.91
CA ARG A 922 -24.68 12.96 -23.93
C ARG A 922 -25.10 11.86 -24.90
N GLY A 923 -25.26 12.22 -26.18
CA GLY A 923 -25.72 11.29 -27.18
C GLY A 923 -27.24 11.20 -27.32
N ARG A 924 -27.99 11.91 -26.50
CA ARG A 924 -29.45 11.90 -26.52
C ARG A 924 -30.00 13.32 -26.64
N ARG A 925 -29.43 14.08 -27.56
CA ARG A 925 -29.82 15.46 -27.78
C ARG A 925 -30.68 15.63 -29.03
N GLY A 926 -31.31 14.55 -29.50
CA GLY A 926 -32.18 14.62 -30.65
C GLY A 926 -33.58 15.12 -30.37
N GLY A 927 -33.90 15.40 -29.11
CA GLY A 927 -35.20 15.91 -28.73
C GLY A 927 -35.30 17.42 -28.87
N GLY A 928 -36.32 17.98 -28.23
CA GLY A 928 -36.54 19.40 -28.27
C GLY A 928 -35.69 20.16 -27.26
N GLU A 929 -35.98 21.45 -27.15
CA GLU A 929 -35.26 22.30 -26.21
C GLU A 929 -35.62 22.05 -24.76
N SER A 930 -36.69 21.28 -24.51
CA SER A 930 -37.06 20.95 -23.14
C SER A 930 -35.98 20.15 -22.43
N SER A 931 -35.19 19.37 -23.17
CA SER A 931 -34.11 18.60 -22.59
C SER A 931 -32.84 19.42 -22.40
N LEU A 932 -32.82 20.66 -22.86
CA LEU A 932 -31.68 21.55 -22.70
C LEU A 932 -31.98 22.81 -21.90
N THR A 933 -33.21 23.32 -21.98
CA THR A 933 -33.58 24.53 -21.26
C THR A 933 -33.53 24.28 -19.76
N CYS A 934 -33.07 25.29 -19.02
CA CYS A 934 -32.98 25.19 -17.57
C CYS A 934 -34.36 25.01 -16.96
N ARG A 935 -34.44 24.19 -15.91
CA ARG A 935 -35.70 23.94 -15.22
C ARG A 935 -36.21 25.15 -14.46
N ALA A 936 -35.38 26.19 -14.30
CA ALA A 936 -35.80 27.42 -13.66
C ALA A 936 -36.47 28.39 -14.61
N GLY A 937 -36.64 28.01 -15.88
CA GLY A 937 -37.22 28.90 -16.86
C GLY A 937 -36.28 29.92 -17.43
N CYS A 938 -34.97 29.65 -17.44
CA CYS A 938 -34.00 30.58 -17.98
C CYS A 938 -33.98 30.59 -19.50
N LYS A 939 -34.56 29.57 -20.14
CA LYS A 939 -34.59 29.46 -21.60
C LYS A 939 -33.19 29.50 -22.19
N VAL A 940 -32.22 28.93 -21.48
CA VAL A 940 -30.84 28.83 -21.92
C VAL A 940 -30.36 27.41 -21.71
N ARG A 941 -29.14 27.14 -22.18
CA ARG A 941 -28.55 25.82 -22.05
C ARG A 941 -28.24 25.54 -20.58
N GLU A 942 -28.85 24.50 -20.03
CA GLU A 942 -28.68 24.15 -18.62
C GLU A 942 -27.45 23.28 -18.47
N THR A 943 -26.30 23.92 -18.34
CA THR A 943 -25.07 23.24 -17.97
C THR A 943 -24.86 23.35 -16.47
N THR A 944 -23.89 22.59 -15.97
CA THR A 944 -23.55 22.66 -14.55
C THR A 944 -23.04 24.04 -14.18
N ALA A 945 -22.36 24.72 -15.12
CA ALA A 945 -21.90 26.07 -14.86
C ALA A 945 -23.07 27.02 -14.66
N HIS A 946 -24.14 26.84 -15.44
CA HIS A 946 -25.33 27.69 -15.23
C HIS A 946 -25.95 27.44 -13.87
N ILE A 947 -26.05 26.19 -13.46
CA ILE A 947 -26.64 25.87 -12.16
C ILE A 947 -25.80 26.46 -11.04
N LEU A 948 -24.48 26.37 -11.15
CA LEU A 948 -23.60 26.66 -10.03
C LEU A 948 -23.09 28.10 -10.01
N GLN A 949 -23.22 28.84 -11.10
CA GLN A 949 -22.58 30.15 -11.16
C GLN A 949 -23.52 31.28 -11.57
N GLN A 950 -24.48 31.03 -12.46
CA GLN A 950 -25.43 32.07 -12.87
C GLN A 950 -26.80 31.44 -13.07
N CYS A 951 -27.64 31.54 -12.04
CA CYS A 951 -29.01 31.09 -12.09
C CYS A 951 -29.76 31.79 -10.96
N HIS A 952 -30.93 32.34 -11.27
CA HIS A 952 -31.72 33.01 -10.23
C HIS A 952 -32.14 32.06 -9.13
N ARG A 953 -32.30 30.77 -9.46
CA ARG A 953 -32.72 29.80 -8.47
C ARG A 953 -31.66 29.60 -7.38
N THR A 954 -30.39 29.67 -7.75
CA THR A 954 -29.30 29.42 -6.80
C THR A 954 -28.58 30.70 -6.39
N HIS A 955 -29.24 31.85 -6.51
CA HIS A 955 -28.62 33.11 -6.11
C HIS A 955 -28.32 33.12 -4.62
N GLY A 956 -29.27 32.67 -3.80
CA GLY A 956 -29.05 32.63 -2.37
C GLY A 956 -27.91 31.70 -1.98
N GLY A 957 -27.78 30.58 -2.68
CA GLY A 957 -26.66 29.69 -2.43
C GLY A 957 -25.33 30.33 -2.74
N ARG A 958 -25.27 31.09 -3.83
CA ARG A 958 -24.05 31.82 -4.17
C ARG A 958 -23.72 32.86 -3.10
N ILE A 959 -24.74 33.57 -2.62
CA ILE A 959 -24.52 34.54 -1.54
C ILE A 959 -23.98 33.83 -0.29
N LEU A 960 -24.55 32.67 0.04
CA LEU A 960 -24.13 31.96 1.24
C LEU A 960 -22.71 31.45 1.12
N ARG A 961 -22.35 30.89 -0.04
CA ARG A 961 -20.98 30.43 -0.25
C ARG A 961 -19.99 31.59 -0.18
N HIS A 962 -20.34 32.72 -0.80
CA HIS A 962 -19.48 33.89 -0.72
C HIS A 962 -19.30 34.35 0.71
N ASN A 963 -20.38 34.40 1.48
CA ASN A 963 -20.29 34.83 2.87
C ASN A 963 -19.43 33.88 3.68
N LYS A 964 -19.55 32.58 3.43
CA LYS A 964 -18.73 31.61 4.15
C LYS A 964 -17.25 31.82 3.87
N ILE A 965 -16.89 31.99 2.60
CA ILE A 965 -15.49 32.18 2.25
C ILE A 965 -14.97 33.50 2.83
N VAL A 966 -15.79 34.55 2.76
CA VAL A 966 -15.39 35.86 3.28
C VAL A 966 -15.17 35.80 4.78
N SER A 967 -16.09 35.14 5.51
CA SER A 967 -15.93 35.04 6.96
C SER A 967 -14.67 34.25 7.31
N PHE A 968 -14.43 33.15 6.60
CA PHE A 968 -13.25 32.33 6.89
C PHE A 968 -11.97 33.13 6.68
N VAL A 969 -11.86 33.84 5.55
CA VAL A 969 -10.64 34.59 5.30
C VAL A 969 -10.51 35.77 6.25
N ALA A 970 -11.62 36.41 6.60
CA ALA A 970 -11.57 37.52 7.54
C ALA A 970 -11.09 37.07 8.91
N LYS A 971 -11.60 35.93 9.39
CA LYS A 971 -11.14 35.39 10.66
C LYS A 971 -9.66 34.99 10.58
N ALA A 972 -9.24 34.41 9.45
CA ALA A 972 -7.84 34.07 9.29
C ALA A 972 -6.95 35.30 9.36
N MET A 973 -7.40 36.40 8.73
CA MET A 973 -6.58 37.61 8.73
C MET A 973 -6.57 38.29 10.09
N GLU A 974 -7.71 38.31 10.78
CA GLU A 974 -7.77 38.80 12.15
C GLU A 974 -6.87 38.02 13.08
N GLU A 975 -6.68 36.72 12.82
CA GLU A 975 -5.67 35.97 13.57
C GLU A 975 -4.29 36.58 13.37
N ASN A 976 -4.03 37.16 12.19
CA ASN A 976 -2.75 37.80 11.89
C ASN A 976 -2.73 39.28 12.24
N LYS A 977 -3.51 39.70 13.23
CA LYS A 977 -3.50 41.07 13.74
C LYS A 977 -3.83 42.09 12.65
N TRP A 978 -4.76 41.73 11.77
CA TRP A 978 -5.25 42.64 10.74
C TRP A 978 -6.59 43.20 11.21
N THR A 979 -6.68 44.52 11.30
CA THR A 979 -7.93 45.18 11.69
C THR A 979 -8.91 45.09 10.53
N VAL A 980 -9.77 44.08 10.57
CA VAL A 980 -10.58 43.69 9.43
C VAL A 980 -11.96 44.30 9.57
N GLU A 981 -12.45 44.89 8.48
CA GLU A 981 -13.82 45.35 8.37
C GLU A 981 -14.56 44.51 7.33
N LEU A 982 -15.85 44.30 7.55
CA LEU A 982 -16.67 43.45 6.70
C LEU A 982 -17.68 44.28 5.93
N GLU A 983 -17.74 44.08 4.62
CA GLU A 983 -18.68 44.74 3.72
C GLU A 983 -18.66 46.26 3.92
N PRO A 984 -17.55 46.93 3.63
CA PRO A 984 -17.44 48.35 3.97
C PRO A 984 -18.46 49.19 3.19
N ARG A 985 -18.86 50.29 3.80
CA ARG A 985 -19.82 51.22 3.21
C ARG A 985 -19.04 52.39 2.59
N LEU A 986 -18.89 52.36 1.27
CA LEU A 986 -18.22 53.43 0.53
C LEU A 986 -19.18 53.95 -0.53
N ARG A 987 -19.95 54.99 -0.18
CA ARG A 987 -20.88 55.61 -1.11
C ARG A 987 -20.08 56.54 -2.02
N THR A 988 -19.40 55.92 -2.99
CA THR A 988 -18.52 56.66 -3.88
C THR A 988 -19.34 57.45 -4.91
N SER A 989 -18.71 58.49 -5.46
CA SER A 989 -19.39 59.35 -6.43
C SER A 989 -19.76 58.58 -7.69
N VAL A 990 -18.86 57.72 -8.17
CA VAL A 990 -19.12 56.99 -9.41
C VAL A 990 -20.33 56.09 -9.27
N GLY A 991 -20.42 55.38 -8.15
CA GLY A 991 -21.51 54.44 -7.94
C GLY A 991 -21.55 53.83 -6.56
N LEU A 992 -21.81 52.52 -6.51
CA LEU A 992 -21.98 51.78 -5.26
C LEU A 992 -21.01 50.62 -5.27
N ARG A 993 -19.88 50.78 -4.57
CA ARG A 993 -18.85 49.75 -4.51
C ARG A 993 -18.92 49.01 -3.18
N LYS A 994 -18.87 47.68 -3.25
CA LYS A 994 -18.94 46.82 -2.08
C LYS A 994 -17.77 45.84 -2.11
N PRO A 995 -16.60 46.27 -1.67
CA PRO A 995 -15.48 45.33 -1.52
C PRO A 995 -15.82 44.29 -0.46
N ALA A 996 -15.24 43.10 -0.62
CA ALA A 996 -15.49 42.04 0.35
C ALA A 996 -15.01 42.45 1.74
N ILE A 997 -13.70 42.61 1.91
CA ILE A 997 -13.14 42.99 3.19
C ILE A 997 -12.03 44.02 2.96
N ILE A 998 -11.80 44.84 3.97
CA ILE A 998 -10.68 45.78 3.99
C ILE A 998 -9.96 45.63 5.33
N ALA A 999 -8.66 45.89 5.33
CA ALA A 999 -7.87 45.67 6.53
C ALA A 999 -6.69 46.62 6.56
N SER A 1000 -6.08 46.73 7.75
CA SER A 1000 -4.94 47.60 7.94
C SER A 1000 -4.00 46.99 8.97
N ARG A 1001 -2.72 47.38 8.89
CA ARG A 1001 -1.70 46.92 9.81
C ARG A 1001 -0.60 47.98 9.88
N ASP A 1002 -0.42 48.59 11.04
CA ASP A 1002 0.66 49.52 11.34
C ASP A 1002 1.01 50.46 10.20
N GLY A 1003 0.01 50.98 9.50
CA GLY A 1003 0.22 51.99 8.49
C GLY A 1003 0.16 51.52 7.05
N VAL A 1004 -0.12 50.25 6.79
CA VAL A 1004 -0.33 49.75 5.44
C VAL A 1004 -1.68 49.07 5.38
N GLY A 1005 -2.52 49.45 4.40
CA GLY A 1005 -3.84 48.89 4.24
C GLY A 1005 -3.89 47.90 3.09
N VAL A 1006 -5.06 47.26 2.97
CA VAL A 1006 -5.26 46.27 1.92
C VAL A 1006 -6.76 46.10 1.70
N ILE A 1007 -7.13 45.82 0.46
CA ILE A 1007 -8.49 45.46 0.07
C ILE A 1007 -8.45 44.03 -0.45
N VAL A 1008 -9.34 43.18 0.06
CA VAL A 1008 -9.44 41.80 -0.40
C VAL A 1008 -10.85 41.59 -0.91
N ASP A 1009 -10.96 41.09 -2.13
CA ASP A 1009 -12.24 40.77 -2.75
C ASP A 1009 -12.31 39.26 -2.97
N VAL A 1010 -13.38 38.65 -2.49
CA VAL A 1010 -13.63 37.22 -2.64
C VAL A 1010 -14.59 37.03 -3.81
N GLN A 1011 -14.25 36.10 -4.70
CA GLN A 1011 -15.06 35.89 -5.89
C GLN A 1011 -14.81 34.48 -6.41
N VAL A 1012 -15.88 33.73 -6.65
CA VAL A 1012 -15.82 32.37 -7.16
C VAL A 1012 -16.37 32.39 -8.57
N VAL A 1013 -15.56 31.92 -9.52
CA VAL A 1013 -15.84 32.07 -10.95
C VAL A 1013 -15.65 30.74 -11.65
N SER A 1014 -15.86 30.75 -12.96
CA SER A 1014 -15.72 29.56 -13.79
C SER A 1014 -14.26 29.35 -14.17
N GLY A 1015 -13.99 28.25 -14.87
CA GLY A 1015 -12.63 27.91 -15.23
C GLY A 1015 -12.40 27.76 -16.71
N GLN A 1016 -13.42 28.06 -17.52
CA GLN A 1016 -13.25 27.99 -18.97
C GLN A 1016 -12.30 29.06 -19.47
N ARG A 1017 -12.30 30.22 -18.82
CA ARG A 1017 -11.35 31.27 -19.11
C ARG A 1017 -10.19 31.22 -18.12
N SER A 1018 -9.13 31.97 -18.42
CA SER A 1018 -7.98 32.00 -17.54
C SER A 1018 -8.34 32.67 -16.22
N LEU A 1019 -7.92 32.05 -15.11
CA LEU A 1019 -8.22 32.61 -13.80
C LEU A 1019 -7.42 33.88 -13.54
N ASP A 1020 -6.22 33.99 -14.11
CA ASP A 1020 -5.40 35.18 -13.88
C ASP A 1020 -6.02 36.41 -14.52
N GLU A 1021 -6.65 36.26 -15.68
CA GLU A 1021 -7.33 37.41 -16.29
C GLU A 1021 -8.50 37.87 -15.43
N LEU A 1022 -9.23 36.94 -14.82
CA LEU A 1022 -10.31 37.31 -13.92
C LEU A 1022 -9.78 37.99 -12.67
N HIS A 1023 -8.67 37.48 -12.13
CA HIS A 1023 -8.05 38.13 -10.98
C HIS A 1023 -7.64 39.56 -11.31
N ARG A 1024 -7.02 39.76 -12.47
CA ARG A 1024 -6.58 41.10 -12.84
C ARG A 1024 -7.77 42.02 -13.10
N GLU A 1025 -8.84 41.49 -13.71
CA GLU A 1025 -10.00 42.33 -14.00
C GLU A 1025 -10.75 42.68 -12.73
N LYS A 1026 -10.69 41.83 -11.71
CA LYS A 1026 -11.31 42.18 -10.43
C LYS A 1026 -10.41 43.09 -9.60
N ARG A 1027 -9.10 43.01 -9.80
CA ARG A 1027 -8.18 43.87 -9.08
C ARG A 1027 -8.17 45.29 -9.64
N ASN A 1028 -8.31 45.44 -10.96
CA ASN A 1028 -8.15 46.76 -11.57
C ASN A 1028 -9.30 47.69 -11.20
N LYS A 1029 -10.51 47.16 -11.01
CA LYS A 1029 -11.65 48.01 -10.70
C LYS A 1029 -11.57 48.63 -9.31
N TYR A 1030 -10.63 48.17 -8.47
CA TYR A 1030 -10.41 48.75 -7.16
C TYR A 1030 -9.06 49.43 -7.02
N GLY A 1031 -8.03 48.89 -7.66
CA GLY A 1031 -6.72 49.48 -7.61
C GLY A 1031 -6.47 50.62 -8.57
N ASN A 1032 -7.45 50.92 -9.42
CA ASN A 1032 -7.33 52.00 -10.40
C ASN A 1032 -8.56 52.90 -10.44
N HIS A 1033 -9.51 52.72 -9.53
CA HIS A 1033 -10.68 53.59 -9.51
C HIS A 1033 -10.31 55.03 -9.20
N GLY A 1034 -9.36 55.22 -8.29
CA GLY A 1034 -8.79 56.53 -8.03
C GLY A 1034 -9.26 57.19 -6.77
N GLU A 1035 -10.56 57.11 -6.49
CA GLU A 1035 -11.12 57.71 -5.28
C GLU A 1035 -11.41 56.69 -4.18
N LEU A 1036 -11.68 55.43 -4.55
CA LEU A 1036 -11.88 54.39 -3.55
C LEU A 1036 -10.64 54.24 -2.70
N VAL A 1037 -9.46 54.36 -3.30
CA VAL A 1037 -8.21 54.25 -2.55
C VAL A 1037 -8.14 55.34 -1.47
N GLU A 1038 -8.49 56.57 -1.84
CA GLU A 1038 -8.48 57.66 -0.87
C GLU A 1038 -9.52 57.44 0.23
N LEU A 1039 -10.71 56.94 -0.14
CA LEU A 1039 -11.74 56.68 0.86
C LEU A 1039 -11.28 55.63 1.86
N VAL A 1040 -10.68 54.54 1.38
CA VAL A 1040 -10.21 53.51 2.30
C VAL A 1040 -9.05 54.03 3.13
N ALA A 1041 -8.18 54.85 2.55
CA ALA A 1041 -7.08 55.42 3.32
C ALA A 1041 -7.61 56.29 4.46
N GLY A 1042 -8.63 57.10 4.18
CA GLY A 1042 -9.23 57.92 5.22
C GLY A 1042 -9.92 57.09 6.29
N ARG A 1043 -10.69 56.08 5.87
CA ARG A 1043 -11.41 55.25 6.83
C ARG A 1043 -10.46 54.47 7.71
N LEU A 1044 -9.41 53.89 7.12
CA LEU A 1044 -8.48 53.07 7.88
C LEU A 1044 -7.67 53.91 8.86
N GLY A 1045 -7.27 55.11 8.46
CA GLY A 1045 -6.50 55.98 9.31
C GLY A 1045 -5.07 56.16 8.87
N LEU A 1046 -4.85 56.11 7.55
CA LEU A 1046 -3.53 56.31 6.97
C LEU A 1046 -3.62 57.33 5.85
N PRO A 1047 -2.74 58.34 5.83
CA PRO A 1047 -2.91 59.42 4.83
C PRO A 1047 -2.52 59.03 3.42
N LYS A 1048 -1.41 58.33 3.25
CA LYS A 1048 -0.87 58.09 1.91
C LYS A 1048 -1.65 56.97 1.22
N ALA A 1049 -2.15 57.27 0.02
CA ALA A 1049 -2.97 56.32 -0.71
C ALA A 1049 -2.16 55.14 -1.25
N GLU A 1050 -0.85 55.30 -1.44
CA GLU A 1050 -0.04 54.18 -1.90
C GLU A 1050 0.17 53.12 -0.83
N CYS A 1051 -0.14 53.41 0.43
CA CYS A 1051 -0.02 52.41 1.47
C CYS A 1051 -1.00 51.25 1.26
N VAL A 1052 -2.25 51.57 0.92
CA VAL A 1052 -3.25 50.54 0.71
C VAL A 1052 -3.14 49.99 -0.71
N ARG A 1053 -3.06 48.66 -0.81
CA ARG A 1053 -2.92 47.98 -2.09
C ARG A 1053 -4.11 47.06 -2.31
N ALA A 1054 -4.70 47.12 -3.49
CA ALA A 1054 -5.83 46.25 -3.81
C ALA A 1054 -5.35 44.82 -4.04
N THR A 1055 -6.24 43.87 -3.76
CA THR A 1055 -5.95 42.45 -3.91
C THR A 1055 -7.27 41.73 -4.14
N SER A 1056 -7.18 40.46 -4.55
CA SER A 1056 -8.35 39.63 -4.71
C SER A 1056 -8.04 38.21 -4.25
N CYS A 1057 -9.10 37.45 -4.00
CA CYS A 1057 -9.01 36.04 -3.63
C CYS A 1057 -9.85 35.29 -4.66
N THR A 1058 -9.23 34.93 -5.77
CA THR A 1058 -9.93 34.30 -6.89
C THR A 1058 -9.75 32.79 -6.81
N ILE A 1059 -10.86 32.06 -6.96
CA ILE A 1059 -10.84 30.61 -6.95
C ILE A 1059 -12.05 30.12 -7.72
N SER A 1060 -11.87 29.07 -8.51
CA SER A 1060 -12.98 28.56 -9.29
C SER A 1060 -13.89 27.69 -8.43
N TRP A 1061 -15.06 27.37 -8.97
CA TRP A 1061 -16.02 26.58 -8.21
C TRP A 1061 -15.58 25.13 -8.05
N ARG A 1062 -14.52 24.72 -8.73
CA ARG A 1062 -13.94 23.39 -8.55
C ARG A 1062 -12.79 23.40 -7.56
N GLY A 1063 -12.60 24.50 -6.84
CA GLY A 1063 -11.48 24.59 -5.92
C GLY A 1063 -10.13 24.66 -6.59
N VAL A 1064 -10.04 25.39 -7.70
CA VAL A 1064 -8.78 25.62 -8.38
C VAL A 1064 -8.37 27.06 -8.11
N TRP A 1065 -7.19 27.24 -7.53
CA TRP A 1065 -6.70 28.56 -7.19
C TRP A 1065 -6.20 29.29 -8.42
N SER A 1066 -6.09 30.60 -8.30
CA SER A 1066 -5.38 31.43 -9.26
C SER A 1066 -3.98 31.71 -8.71
N LEU A 1067 -2.96 31.44 -9.53
CA LEU A 1067 -1.59 31.51 -9.04
C LEU A 1067 -1.23 32.92 -8.58
N THR A 1068 -1.64 33.94 -9.34
CA THR A 1068 -1.37 35.31 -8.93
C THR A 1068 -2.10 35.65 -7.63
N SER A 1069 -3.36 35.24 -7.52
CA SER A 1069 -4.12 35.49 -6.30
C SER A 1069 -3.53 34.75 -5.11
N TYR A 1070 -3.13 33.49 -5.31
CA TYR A 1070 -2.51 32.73 -4.24
C TYR A 1070 -1.21 33.37 -3.79
N LYS A 1071 -0.36 33.79 -4.73
CA LYS A 1071 0.89 34.43 -4.37
C LYS A 1071 0.65 35.75 -3.65
N GLU A 1072 -0.34 36.52 -4.09
CA GLU A 1072 -0.61 37.80 -3.45
C GLU A 1072 -1.18 37.60 -2.05
N LEU A 1073 -2.01 36.56 -1.86
CA LEU A 1073 -2.50 36.25 -0.52
C LEU A 1073 -1.37 35.80 0.38
N ARG A 1074 -0.40 35.07 -0.16
CA ARG A 1074 0.72 34.62 0.64
C ARG A 1074 1.79 35.68 0.85
N SER A 1075 1.76 36.78 0.09
CA SER A 1075 2.80 37.79 0.16
C SER A 1075 2.36 39.06 0.86
N ILE A 1076 1.25 39.67 0.42
CA ILE A 1076 0.79 40.92 1.03
C ILE A 1076 0.38 40.68 2.47
N ILE A 1077 -0.60 39.83 2.68
CA ILE A 1077 -1.02 39.45 4.01
C ILE A 1077 -0.29 38.17 4.40
N GLY A 1078 0.07 38.06 5.68
CA GLY A 1078 0.71 36.84 6.10
C GLY A 1078 -0.31 35.74 6.26
N LEU A 1079 -0.37 34.84 5.30
CA LEU A 1079 -1.33 33.73 5.33
C LEU A 1079 -0.54 32.44 5.08
N ARG A 1080 -0.64 31.52 6.02
CA ARG A 1080 0.11 30.28 5.95
C ARG A 1080 -0.60 29.27 5.05
N GLU A 1081 0.09 28.16 4.79
CA GLU A 1081 -0.48 27.11 3.95
C GLU A 1081 -1.78 26.52 4.51
N PRO A 1082 -1.87 26.16 5.80
CA PRO A 1082 -3.09 25.48 6.27
C PRO A 1082 -4.37 26.28 6.05
N THR A 1083 -4.31 27.61 6.18
CA THR A 1083 -5.52 28.39 5.95
C THR A 1083 -5.81 28.64 4.48
N LEU A 1084 -4.86 28.35 3.59
CA LEU A 1084 -5.10 28.47 2.16
C LEU A 1084 -5.66 27.20 1.55
N GLN A 1085 -5.40 26.04 2.15
CA GLN A 1085 -5.86 24.76 1.63
C GLN A 1085 -7.33 24.48 1.93
N ILE A 1086 -7.98 25.29 2.77
CA ILE A 1086 -9.38 25.08 3.07
C ILE A 1086 -10.31 25.84 2.13
N VAL A 1087 -9.82 26.92 1.51
CA VAL A 1087 -10.66 27.67 0.56
C VAL A 1087 -11.14 26.80 -0.58
N PRO A 1088 -10.33 25.90 -1.17
CA PRO A 1088 -10.90 24.93 -2.11
C PRO A 1088 -12.01 24.09 -1.50
N ILE A 1089 -11.87 23.70 -0.23
CA ILE A 1089 -12.90 22.92 0.44
C ILE A 1089 -14.19 23.73 0.53
N LEU A 1090 -14.09 25.00 0.94
CA LEU A 1090 -15.26 25.84 1.05
C LEU A 1090 -15.91 26.06 -0.31
N ALA A 1091 -15.11 26.27 -1.35
CA ALA A 1091 -15.65 26.47 -2.68
C ALA A 1091 -16.38 25.23 -3.18
N LEU A 1092 -15.78 24.05 -2.98
CA LEU A 1092 -16.43 22.81 -3.40
C LEU A 1092 -17.71 22.54 -2.61
N ARG A 1093 -17.67 22.74 -1.30
CA ARG A 1093 -18.83 22.50 -0.46
C ARG A 1093 -19.96 23.45 -0.82
N GLY A 1094 -19.66 24.74 -1.01
CA GLY A 1094 -20.67 25.67 -1.44
C GLY A 1094 -21.21 25.38 -2.83
N SER A 1095 -20.36 24.88 -3.73
CA SER A 1095 -20.80 24.55 -5.07
C SER A 1095 -21.79 23.39 -5.04
N HIS A 1096 -21.47 22.34 -4.30
CA HIS A 1096 -22.43 21.24 -4.16
C HIS A 1096 -23.67 21.67 -3.41
N MET A 1097 -23.53 22.59 -2.44
CA MET A 1097 -24.68 23.15 -1.74
C MET A 1097 -25.61 23.83 -2.73
N ASN A 1098 -25.06 24.64 -3.63
CA ASN A 1098 -25.87 25.30 -4.65
C ASN A 1098 -26.54 24.29 -5.56
N TRP A 1099 -25.80 23.27 -5.99
CA TRP A 1099 -26.39 22.29 -6.89
C TRP A 1099 -27.55 21.54 -6.24
N THR A 1100 -27.37 21.13 -4.98
CA THR A 1100 -28.44 20.41 -4.30
C THR A 1100 -29.57 21.31 -3.84
N ARG A 1101 -29.33 22.62 -3.72
CA ARG A 1101 -30.46 23.55 -3.53
C ARG A 1101 -31.25 23.71 -4.82
N PHE A 1102 -30.55 23.73 -5.95
CA PHE A 1102 -31.24 23.75 -7.25
C PHE A 1102 -32.06 22.47 -7.44
N ASN A 1103 -31.49 21.33 -7.04
CA ASN A 1103 -32.17 20.06 -7.24
C ASN A 1103 -33.30 19.83 -6.24
N GLN A 1104 -33.15 20.31 -5.00
CA GLN A 1104 -34.08 19.92 -3.96
C GLN A 1104 -35.45 20.58 -4.13
N MET A 1105 -35.52 21.70 -4.82
CA MET A 1105 -36.79 22.35 -5.13
C MET A 1105 -36.86 22.57 -6.64
N THR A 1106 -37.99 22.16 -7.23
CA THR A 1106 -38.17 22.25 -8.67
C THR A 1106 -39.56 22.71 -9.08
N SER A 1107 -40.43 23.06 -8.12
CA SER A 1107 -41.81 23.48 -8.39
C SER A 1107 -42.56 22.43 -9.20
#